data_3QR9
#
_entry.id   3QR9
#
_cell.length_a   79.465
_cell.length_b   91.771
_cell.length_c   120.085
_cell.angle_alpha   90.00
_cell.angle_beta   90.00
_cell.angle_gamma   90.00
#
_symmetry.space_group_name_H-M   'P 21 21 21'
#
loop_
_entity.id
_entity.type
_entity.pdbx_description
1 polymer 'Anthranilate phosphoribosyltransferase'
2 non-polymer GLYCEROL
3 water water
#
_entity_poly.entity_id   1
_entity_poly.type   'polypeptide(L)'
_entity_poly.pdbx_seq_one_letter_code
;ALSAEGSSGGSRGGSPKAEAASVPSWPQILGRLTDNRDLARGQAAWAMDQIMTGNARPAQIAAFAVAMTMKAPTADEVGE
LAGVMLSHAHPLPADTVPDDAVDVVGTGGDGVNTVNLSTMAAIVVAAAGVPVVKHGNRAASSLSGGADTLEALGVRIDLG
PDLVARSLAEVGIGFCFAPRFHPSYRHAAAVRREIGVPTVFNLLGPLTNPARPRAGLIGCAFADLAEVMAGVFAARRSSV
LVVHGDDGLDELTTTTTSTIWRVAAGSVDKLTFDPAGFGFARAQLDQLAGGDAQANAAAVRAVLGGARGPVRDAVVLNAA
GAIVAHAGLSSRAEWLPAWEEGLRRASAAIDTGAAEQLLARWVRFGRQILEHHHHHH
;
_entity_poly.pdbx_strand_id   A,B
#
loop_
_chem_comp.id
_chem_comp.type
_chem_comp.name
_chem_comp.formula
GOL non-polymer GLYCEROL 'C3 H8 O3'
#
# COMPACT_ATOMS: atom_id res chain seq x y z
N PRO A 24 -13.27 8.22 -12.29
CA PRO A 24 -12.29 7.60 -11.39
C PRO A 24 -11.55 8.62 -10.51
N SER A 25 -11.09 8.18 -9.34
CA SER A 25 -10.34 9.05 -8.45
C SER A 25 -9.43 8.17 -7.60
N TRP A 26 -8.42 8.76 -6.97
CA TRP A 26 -7.55 7.98 -6.06
C TRP A 26 -8.33 7.35 -4.92
N PRO A 27 -9.18 8.14 -4.21
CA PRO A 27 -9.93 7.49 -3.14
C PRO A 27 -10.74 6.27 -3.59
N GLN A 28 -11.34 6.36 -4.76
CA GLN A 28 -12.19 5.29 -5.25
C GLN A 28 -11.31 4.08 -5.57
N ILE A 29 -10.21 4.34 -6.28
CA ILE A 29 -9.35 3.25 -6.76
C ILE A 29 -8.61 2.64 -5.58
N LEU A 30 -8.05 3.48 -4.73
CA LEU A 30 -7.29 2.95 -3.56
C LEU A 30 -8.22 2.26 -2.60
N GLY A 31 -9.46 2.77 -2.51
CA GLY A 31 -10.46 2.11 -1.67
C GLY A 31 -10.82 0.69 -2.08
N ARG A 32 -10.96 0.47 -3.37
CA ARG A 32 -11.29 -0.81 -3.91
C ARG A 32 -10.17 -1.80 -3.61
N LEU A 33 -8.95 -1.37 -3.84
CA LEU A 33 -7.80 -2.23 -3.64
C LEU A 33 -7.63 -2.60 -2.15
N THR A 34 -7.78 -1.64 -1.25
CA THR A 34 -7.65 -1.91 0.20
C THR A 34 -8.78 -2.83 0.70
N ASP A 35 -9.91 -2.91 -0.01
CA ASP A 35 -10.97 -3.88 0.31
C ASP A 35 -10.71 -5.25 -0.34
N ASN A 36 -9.52 -5.40 -0.90
CA ASN A 36 -9.10 -6.60 -1.60
C ASN A 36 -10.00 -6.96 -2.79
N ARG A 37 -10.44 -5.95 -3.53
CA ARG A 37 -11.22 -6.18 -4.73
C ARG A 37 -10.42 -5.83 -5.98
N ASP A 38 -10.62 -6.63 -7.04
CA ASP A 38 -10.12 -6.29 -8.38
C ASP A 38 -10.75 -4.98 -8.83
N LEU A 39 -9.99 -4.21 -9.60
CA LEU A 39 -10.48 -2.94 -10.16
C LEU A 39 -11.52 -3.16 -11.26
N ALA A 40 -12.34 -2.15 -11.48
CA ALA A 40 -13.23 -2.12 -12.66
C ALA A 40 -12.33 -1.87 -13.86
N ARG A 41 -12.71 -2.42 -15.02
CA ARG A 41 -11.99 -2.11 -16.26
C ARG A 41 -11.75 -0.62 -16.39
N GLY A 42 -10.54 -0.25 -16.79
CA GLY A 42 -10.20 1.15 -17.03
C GLY A 42 -9.59 1.89 -15.83
N GLN A 43 -9.78 1.39 -14.62
CA GLN A 43 -9.26 2.11 -13.44
C GLN A 43 -7.72 2.09 -13.38
N ALA A 44 -7.13 0.92 -13.60
CA ALA A 44 -5.67 0.81 -13.67
C ALA A 44 -5.10 1.70 -14.77
N ALA A 45 -5.75 1.75 -15.95
CA ALA A 45 -5.30 2.63 -17.01
C ALA A 45 -5.30 4.12 -16.61
N TRP A 46 -6.39 4.54 -15.94
CA TRP A 46 -6.50 5.92 -15.46
C TRP A 46 -5.40 6.22 -14.46
N ALA A 47 -5.18 5.31 -13.50
CA ALA A 47 -4.07 5.45 -12.57
C ALA A 47 -2.72 5.61 -13.29
N MET A 48 -2.45 4.74 -14.27
CA MET A 48 -1.17 4.83 -14.99
C MET A 48 -1.08 6.12 -15.78
N ASP A 49 -2.18 6.57 -16.37
CA ASP A 49 -2.05 7.80 -17.11
C ASP A 49 -1.76 9.00 -16.18
N GLN A 50 -2.37 9.03 -14.99
CA GLN A 50 -2.04 10.09 -14.00
C GLN A 50 -0.53 10.04 -13.66
N ILE A 51 0.00 8.83 -13.49
CA ILE A 51 1.43 8.66 -13.15
C ILE A 51 2.34 9.14 -14.29
N MET A 52 1.97 8.77 -15.51
CA MET A 52 2.79 9.06 -16.67
C MET A 52 2.75 10.55 -17.06
N THR A 53 1.68 11.25 -16.71
CA THR A 53 1.58 12.66 -17.11
C THR A 53 2.11 13.59 -16.04
N GLY A 54 2.60 13.02 -14.94
CA GLY A 54 3.10 13.80 -13.84
C GLY A 54 2.04 14.33 -12.89
N ASN A 55 0.80 13.91 -13.09
CA ASN A 55 -0.28 14.36 -12.26
C ASN A 55 -0.47 13.62 -10.95
N ALA A 56 0.24 12.52 -10.74
CA ALA A 56 0.03 11.76 -9.52
C ALA A 56 1.09 12.21 -8.51
N ARG A 57 0.65 12.53 -7.28
CA ARG A 57 1.58 12.87 -6.20
C ARG A 57 2.39 11.64 -5.83
N PRO A 58 3.62 11.83 -5.34
CA PRO A 58 4.41 10.67 -4.94
C PRO A 58 3.66 9.75 -3.95
N ALA A 59 2.88 10.32 -3.02
CA ALA A 59 2.10 9.52 -2.08
C ALA A 59 1.03 8.69 -2.78
N GLN A 60 0.41 9.25 -3.82
CA GLN A 60 -0.61 8.50 -4.60
C GLN A 60 0.04 7.36 -5.39
N ILE A 61 1.19 7.62 -5.99
CA ILE A 61 1.93 6.57 -6.69
C ILE A 61 2.26 5.40 -5.76
N ALA A 62 2.81 5.71 -4.60
CA ALA A 62 3.20 4.71 -3.60
C ALA A 62 2.01 3.95 -3.07
N ALA A 63 0.92 4.66 -2.78
CA ALA A 63 -0.26 3.98 -2.25
C ALA A 63 -0.81 2.98 -3.27
N PHE A 64 -0.82 3.42 -4.54
CA PHE A 64 -1.27 2.59 -5.64
C PHE A 64 -0.38 1.35 -5.84
N ALA A 65 0.92 1.56 -5.90
CA ALA A 65 1.85 0.43 -6.12
C ALA A 65 1.70 -0.60 -5.00
N VAL A 66 1.67 -0.12 -3.75
CA VAL A 66 1.60 -1.06 -2.63
C VAL A 66 0.24 -1.80 -2.60
N ALA A 67 -0.85 -1.05 -2.74
CA ALA A 67 -2.19 -1.63 -2.65
C ALA A 67 -2.40 -2.66 -3.79
N MET A 68 -1.91 -2.33 -4.97
CA MET A 68 -2.02 -3.26 -6.12
C MET A 68 -1.22 -4.53 -5.82
N THR A 69 -0.04 -4.37 -5.23
CA THR A 69 0.81 -5.53 -4.88
C THR A 69 0.14 -6.45 -3.85
N MET A 70 -0.42 -5.85 -2.80
CA MET A 70 -1.02 -6.65 -1.72
C MET A 70 -2.34 -7.29 -2.11
N LYS A 71 -3.12 -6.63 -2.94
CA LYS A 71 -4.32 -7.23 -3.53
C LYS A 71 -3.91 -8.43 -4.44
N ALA A 72 -2.88 -8.25 -5.25
CA ALA A 72 -2.47 -9.25 -6.27
C ALA A 72 -3.13 -8.81 -7.56
N PRO A 73 -2.33 -8.25 -8.48
CA PRO A 73 -2.78 -7.71 -9.75
C PRO A 73 -3.33 -8.84 -10.62
N THR A 74 -4.34 -8.54 -11.42
CA THR A 74 -4.79 -9.47 -12.46
C THR A 74 -4.06 -9.16 -13.77
N ALA A 75 -4.17 -10.08 -14.73
CA ALA A 75 -3.60 -9.89 -16.05
C ALA A 75 -4.27 -8.71 -16.73
N ASP A 76 -5.57 -8.56 -16.55
CA ASP A 76 -6.23 -7.40 -17.16
C ASP A 76 -5.64 -6.11 -16.60
N GLU A 77 -5.39 -6.08 -15.30
CA GLU A 77 -4.95 -4.84 -14.67
C GLU A 77 -3.52 -4.50 -15.13
N VAL A 78 -2.68 -5.52 -15.15
CA VAL A 78 -1.29 -5.35 -15.61
C VAL A 78 -1.24 -4.97 -17.10
N GLY A 79 -2.12 -5.56 -17.92
CA GLY A 79 -2.21 -5.17 -19.35
C GLY A 79 -2.58 -3.70 -19.48
N GLU A 80 -3.46 -3.20 -18.61
CA GLU A 80 -3.78 -1.78 -18.64
C GLU A 80 -2.58 -0.92 -18.26
N LEU A 81 -1.89 -1.29 -17.19
CA LEU A 81 -0.71 -0.49 -16.79
C LEU A 81 0.32 -0.41 -17.93
N ALA A 82 0.66 -1.59 -18.45
CA ALA A 82 1.70 -1.73 -19.50
C ALA A 82 1.32 -1.03 -20.80
N GLY A 83 0.06 -1.14 -21.20
CA GLY A 83 -0.43 -0.54 -22.46
C GLY A 83 -0.39 0.98 -22.38
N VAL A 84 -0.78 1.54 -21.23
CA VAL A 84 -0.68 3.00 -21.07
C VAL A 84 0.80 3.45 -21.05
N MET A 85 1.64 2.70 -20.31
CA MET A 85 3.07 3.06 -20.26
C MET A 85 3.67 3.04 -21.67
N LEU A 86 3.40 1.96 -22.40
CA LEU A 86 3.85 1.86 -23.81
C LEU A 86 3.39 3.01 -24.69
N SER A 87 2.18 3.51 -24.47
CA SER A 87 1.68 4.62 -25.29
C SER A 87 2.46 5.94 -25.09
N HIS A 88 3.10 6.10 -23.93
CA HIS A 88 3.97 7.26 -23.67
C HIS A 88 5.43 7.01 -24.09
N ALA A 89 5.80 5.79 -24.50
CA ALA A 89 7.20 5.46 -24.81
C ALA A 89 7.60 5.87 -26.21
N HIS A 90 8.90 6.14 -26.41
CA HIS A 90 9.40 6.42 -27.75
C HIS A 90 9.41 5.13 -28.54
N PRO A 91 8.92 5.14 -29.79
CA PRO A 91 8.98 3.85 -30.50
C PRO A 91 10.33 3.71 -31.21
N LEU A 92 10.66 2.49 -31.66
CA LEU A 92 11.69 2.33 -32.69
C LEU A 92 11.09 2.73 -34.05
N PRO A 93 11.96 3.14 -35.01
CA PRO A 93 11.41 3.55 -36.31
C PRO A 93 10.64 2.41 -37.00
N ALA A 94 9.62 2.78 -37.76
CA ALA A 94 8.80 1.80 -38.44
C ALA A 94 9.64 0.78 -39.22
N ASP A 95 9.28 -0.49 -39.07
CA ASP A 95 9.84 -1.58 -39.86
C ASP A 95 11.29 -1.94 -39.54
N THR A 96 11.80 -1.46 -38.42
CA THR A 96 13.22 -1.66 -38.11
C THR A 96 13.44 -2.81 -37.12
N VAL A 97 12.38 -3.21 -36.45
CA VAL A 97 12.46 -4.35 -35.56
C VAL A 97 12.06 -5.61 -36.35
N PRO A 98 12.96 -6.62 -36.42
CA PRO A 98 12.56 -7.85 -37.11
C PRO A 98 11.29 -8.40 -36.47
N ASP A 99 10.42 -8.92 -37.31
CA ASP A 99 9.17 -9.52 -36.92
C ASP A 99 9.31 -10.57 -35.82
N ASP A 100 10.47 -11.24 -35.82
CA ASP A 100 10.75 -12.37 -34.96
C ASP A 100 11.77 -12.05 -33.82
N ALA A 101 11.94 -10.77 -33.48
CA ALA A 101 12.84 -10.39 -32.34
C ALA A 101 12.37 -10.92 -30.98
N VAL A 102 13.32 -11.25 -30.09
CA VAL A 102 13.00 -11.79 -28.74
C VAL A 102 13.65 -10.97 -27.64
N ASP A 103 13.11 -11.09 -26.43
CA ASP A 103 13.71 -10.53 -25.24
C ASP A 103 14.16 -11.69 -24.38
N VAL A 104 15.15 -11.46 -23.53
CA VAL A 104 15.57 -12.42 -22.50
C VAL A 104 15.78 -11.61 -21.24
N VAL A 105 14.92 -11.79 -20.26
CA VAL A 105 14.85 -10.82 -19.16
C VAL A 105 14.11 -11.42 -17.98
N GLY A 106 14.36 -10.87 -16.80
CA GLY A 106 13.67 -11.29 -15.58
C GLY A 106 13.14 -10.06 -14.88
N THR A 107 12.24 -10.27 -13.93
CA THR A 107 11.59 -9.15 -13.26
C THR A 107 12.34 -8.83 -11.97
N GLY A 108 13.37 -9.61 -11.67
CA GLY A 108 14.23 -9.38 -10.50
C GLY A 108 14.23 -10.61 -9.61
N GLY A 109 15.41 -10.98 -9.10
CA GLY A 109 15.54 -12.09 -8.13
C GLY A 109 14.97 -11.68 -6.78
N ASP A 110 14.53 -12.68 -6.00
CA ASP A 110 14.04 -12.45 -4.62
C ASP A 110 15.19 -12.67 -3.61
N GLY A 111 15.88 -11.57 -3.27
CA GLY A 111 17.09 -11.62 -2.44
C GLY A 111 18.10 -12.61 -2.99
N VAL A 112 18.30 -12.55 -4.31
CA VAL A 112 19.19 -13.45 -5.05
C VAL A 112 19.73 -12.63 -6.22
N ASN A 113 21.06 -12.59 -6.35
CA ASN A 113 21.71 -11.80 -7.38
C ASN A 113 22.76 -12.60 -8.15
N THR A 114 22.35 -13.12 -9.31
CA THR A 114 23.22 -13.88 -10.19
C THR A 114 24.04 -12.99 -11.13
N VAL A 115 25.02 -13.61 -11.79
CA VAL A 115 25.97 -12.89 -12.64
C VAL A 115 25.41 -12.52 -14.05
N ASN A 116 24.29 -11.80 -14.09
CA ASN A 116 23.72 -11.33 -15.37
C ASN A 116 23.61 -12.47 -16.40
N LEU A 117 23.05 -13.60 -15.97
CA LEU A 117 22.82 -14.73 -16.86
C LEU A 117 21.95 -14.34 -18.07
N SER A 118 20.93 -13.50 -17.85
CA SER A 118 20.06 -13.12 -18.95
C SER A 118 20.82 -12.27 -19.99
N THR A 119 21.86 -11.54 -19.55
CA THR A 119 22.68 -10.76 -20.47
C THR A 119 23.56 -11.68 -21.34
N MET A 120 24.14 -12.69 -20.70
CA MET A 120 24.91 -13.66 -21.44
C MET A 120 24.04 -14.49 -22.37
N ALA A 121 22.85 -14.88 -21.89
CA ALA A 121 21.96 -15.69 -22.73
C ALA A 121 21.53 -14.88 -23.94
N ALA A 122 21.28 -13.58 -23.74
CA ALA A 122 20.92 -12.71 -24.87
C ALA A 122 21.97 -12.73 -25.96
N ILE A 123 23.25 -12.62 -25.58
CA ILE A 123 24.33 -12.65 -26.58
C ILE A 123 24.33 -13.99 -27.34
N VAL A 124 24.18 -15.07 -26.59
CA VAL A 124 24.20 -16.43 -27.17
C VAL A 124 23.03 -16.61 -28.12
N VAL A 125 21.84 -16.16 -27.70
CA VAL A 125 20.65 -16.24 -28.56
C VAL A 125 20.88 -15.50 -29.85
N ALA A 126 21.45 -14.30 -29.78
CA ALA A 126 21.62 -13.50 -31.00
C ALA A 126 22.65 -14.18 -31.90
N ALA A 127 23.66 -14.78 -31.28
CA ALA A 127 24.69 -15.54 -32.00
C ALA A 127 24.14 -16.78 -32.72
N ALA A 128 23.06 -17.34 -32.18
CA ALA A 128 22.35 -18.47 -32.79
C ALA A 128 21.40 -18.04 -33.92
N GLY A 129 21.42 -16.76 -34.29
CA GLY A 129 20.67 -16.28 -35.44
C GLY A 129 19.30 -15.72 -35.09
N VAL A 130 19.03 -15.46 -33.81
CA VAL A 130 17.69 -14.99 -33.39
C VAL A 130 17.84 -13.52 -32.97
N PRO A 131 17.10 -12.59 -33.60
CA PRO A 131 17.35 -11.18 -33.26
C PRO A 131 16.91 -10.94 -31.83
N VAL A 132 17.67 -10.13 -31.07
CA VAL A 132 17.42 -9.92 -29.66
C VAL A 132 17.37 -8.41 -29.41
N VAL A 133 16.35 -7.98 -28.68
CA VAL A 133 16.29 -6.59 -28.26
C VAL A 133 15.99 -6.56 -26.74
N LYS A 134 17.02 -6.16 -26.00
CA LYS A 134 16.93 -6.02 -24.55
C LYS A 134 16.53 -4.59 -24.20
N HIS A 135 16.20 -4.40 -22.92
CA HIS A 135 15.59 -3.15 -22.47
C HIS A 135 15.87 -3.10 -20.96
N GLY A 136 16.47 -2.02 -20.48
CA GLY A 136 16.72 -1.96 -19.05
C GLY A 136 17.45 -0.71 -18.60
N ASN A 137 17.91 -0.73 -17.36
CA ASN A 137 18.55 0.42 -16.78
C ASN A 137 19.89 0.05 -16.10
N ARG A 138 20.71 1.06 -15.84
CA ARG A 138 21.84 0.88 -14.92
C ARG A 138 21.31 0.57 -13.51
N ALA A 139 22.05 -0.26 -12.77
CA ALA A 139 21.67 -0.60 -11.40
C ALA A 139 21.96 0.57 -10.45
N ALA A 140 21.20 0.66 -9.37
CA ALA A 140 21.38 1.75 -8.40
C ALA A 140 22.57 1.54 -7.42
N SER A 141 22.99 0.28 -7.30
CA SER A 141 24.06 -0.17 -6.38
C SER A 141 25.27 -0.71 -7.11
N SER A 142 26.29 -1.08 -6.34
CA SER A 142 27.51 -1.65 -6.91
C SER A 142 27.41 -3.16 -7.20
N LEU A 143 26.22 -3.75 -7.00
CA LEU A 143 25.88 -5.04 -7.64
C LEU A 143 25.49 -4.77 -9.10
N SER A 144 26.42 -5.07 -10.01
CA SER A 144 26.34 -4.71 -11.43
C SER A 144 25.14 -5.34 -12.13
N GLY A 145 24.28 -4.49 -12.71
CA GLY A 145 23.19 -4.96 -13.55
C GLY A 145 23.70 -5.30 -14.95
N GLY A 146 22.81 -5.86 -15.77
CA GLY A 146 23.19 -6.28 -17.13
C GLY A 146 23.75 -5.14 -17.97
N ALA A 147 23.03 -4.02 -17.94
CA ALA A 147 23.46 -2.78 -18.58
C ALA A 147 24.82 -2.28 -18.10
N ASP A 148 25.06 -2.33 -16.79
CA ASP A 148 26.36 -1.92 -16.26
C ASP A 148 27.48 -2.86 -16.76
N THR A 149 27.17 -4.15 -16.82
CA THR A 149 28.14 -5.14 -17.26
C THR A 149 28.43 -4.96 -18.77
N LEU A 150 27.37 -4.70 -19.54
CA LEU A 150 27.54 -4.40 -20.95
C LEU A 150 28.48 -3.20 -21.17
N GLU A 151 28.31 -2.10 -20.43
CA GLU A 151 29.22 -0.94 -20.55
C GLU A 151 30.65 -1.26 -20.14
N ALA A 152 30.78 -2.09 -19.09
CA ALA A 152 32.08 -2.58 -18.65
C ALA A 152 32.76 -3.40 -19.74
N LEU A 153 31.98 -4.07 -20.59
CA LEU A 153 32.51 -4.79 -21.75
C LEU A 153 32.82 -3.88 -22.95
N GLY A 154 32.43 -2.60 -22.86
CA GLY A 154 32.65 -1.67 -23.96
C GLY A 154 31.43 -1.40 -24.84
N VAL A 155 30.28 -1.99 -24.50
CA VAL A 155 29.05 -1.80 -25.29
C VAL A 155 28.46 -0.40 -25.01
N ARG A 156 27.95 0.29 -26.04
CA ARG A 156 27.27 1.59 -25.78
C ARG A 156 25.81 1.30 -25.60
N ILE A 157 25.32 1.52 -24.38
CA ILE A 157 23.95 1.12 -24.02
C ILE A 157 22.90 2.22 -24.20
N ASP A 158 23.31 3.48 -24.18
CA ASP A 158 22.37 4.61 -24.22
C ASP A 158 22.30 5.17 -25.63
N LEU A 159 21.48 4.57 -26.48
CA LEU A 159 21.38 5.01 -27.87
C LEU A 159 19.94 5.30 -28.22
N GLY A 160 19.75 6.29 -29.11
CA GLY A 160 18.43 6.61 -29.66
C GLY A 160 17.86 5.53 -30.56
N PRO A 161 16.54 5.61 -30.84
CA PRO A 161 15.79 4.62 -31.62
C PRO A 161 16.45 4.29 -32.95
N ASP A 162 16.91 5.30 -33.66
CA ASP A 162 17.53 5.11 -34.97
C ASP A 162 18.77 4.20 -34.82
N LEU A 163 19.52 4.38 -33.75
CA LEU A 163 20.77 3.61 -33.61
C LEU A 163 20.52 2.19 -33.06
N VAL A 164 19.55 2.05 -32.17
CA VAL A 164 19.14 0.70 -31.75
C VAL A 164 18.67 -0.12 -32.97
N ALA A 165 17.92 0.51 -33.87
CA ALA A 165 17.46 -0.19 -35.06
C ALA A 165 18.63 -0.56 -35.96
N ARG A 166 19.61 0.32 -36.11
CA ARG A 166 20.78 -0.03 -36.91
C ARG A 166 21.58 -1.16 -36.25
N SER A 167 21.76 -1.11 -34.92
CA SER A 167 22.45 -2.23 -34.21
C SER A 167 21.73 -3.55 -34.48
N LEU A 168 20.40 -3.54 -34.36
CA LEU A 168 19.64 -4.75 -34.68
C LEU A 168 19.90 -5.27 -36.08
N ALA A 169 19.96 -4.35 -37.04
CA ALA A 169 20.21 -4.70 -38.46
C ALA A 169 21.62 -5.25 -38.68
N GLU A 170 22.61 -4.55 -38.15
CA GLU A 170 23.99 -4.84 -38.50
C GLU A 170 24.60 -5.89 -37.61
N VAL A 171 24.16 -5.94 -36.36
CA VAL A 171 24.73 -6.85 -35.36
C VAL A 171 23.79 -8.01 -35.01
N GLY A 172 22.48 -7.77 -35.03
CA GLY A 172 21.51 -8.81 -34.59
C GLY A 172 21.07 -8.71 -33.12
N ILE A 173 21.49 -7.65 -32.45
CA ILE A 173 21.13 -7.40 -31.07
C ILE A 173 21.05 -5.90 -30.84
N GLY A 174 20.15 -5.48 -29.95
CA GLY A 174 20.04 -4.07 -29.64
C GLY A 174 19.70 -3.94 -28.18
N PHE A 175 19.88 -2.74 -27.62
CA PHE A 175 19.55 -2.46 -26.22
C PHE A 175 18.83 -1.08 -26.08
N CYS A 176 17.60 -1.12 -25.56
CA CYS A 176 16.78 0.09 -25.31
C CYS A 176 16.98 0.58 -23.90
N PHE A 177 17.66 1.71 -23.74
CA PHE A 177 17.96 2.19 -22.42
C PHE A 177 16.67 2.84 -21.84
N ALA A 178 16.20 2.30 -20.70
CA ALA A 178 14.85 2.63 -20.24
C ALA A 178 14.60 4.13 -20.03
N PRO A 179 15.52 4.85 -19.32
CA PRO A 179 15.32 6.30 -19.11
C PRO A 179 15.22 7.08 -20.42
N ARG A 180 15.86 6.59 -21.47
CA ARG A 180 15.77 7.24 -22.76
C ARG A 180 14.43 6.97 -23.49
N PHE A 181 13.87 5.77 -23.32
CA PHE A 181 12.64 5.39 -24.04
C PHE A 181 11.37 5.62 -23.26
N HIS A 182 11.50 5.70 -21.95
CA HIS A 182 10.39 5.92 -21.05
C HIS A 182 10.65 7.16 -20.21
N PRO A 183 10.89 8.31 -20.85
CA PRO A 183 11.14 9.51 -19.98
C PRO A 183 9.99 9.89 -19.00
N SER A 184 8.74 9.64 -19.39
CA SER A 184 7.57 9.97 -18.53
C SER A 184 7.40 9.04 -17.35
N TYR A 185 8.20 7.97 -17.31
CA TYR A 185 8.20 7.07 -16.18
C TYR A 185 9.03 7.60 -14.98
N ARG A 186 9.69 8.75 -15.13
CA ARG A 186 10.61 9.22 -14.09
C ARG A 186 9.94 9.40 -12.69
N HIS A 187 8.68 9.82 -12.67
CA HIS A 187 7.94 10.03 -11.42
C HIS A 187 7.72 8.70 -10.68
N ALA A 188 7.37 7.65 -11.42
CA ALA A 188 7.21 6.34 -10.83
C ALA A 188 8.58 5.81 -10.38
N ALA A 189 9.61 6.01 -11.21
CA ALA A 189 10.98 5.54 -10.87
C ALA A 189 11.46 6.13 -9.54
N ALA A 190 11.31 7.44 -9.35
CA ALA A 190 11.67 8.07 -8.08
C ALA A 190 10.99 7.37 -6.89
N VAL A 191 9.68 7.12 -7.02
CA VAL A 191 8.88 6.53 -5.93
C VAL A 191 9.32 5.07 -5.63
N ARG A 192 9.57 4.31 -6.69
CA ARG A 192 10.03 2.97 -6.51
C ARG A 192 11.34 2.89 -5.72
N ARG A 193 12.25 3.83 -5.98
CA ARG A 193 13.52 3.90 -5.24
C ARG A 193 13.25 4.21 -3.76
N GLU A 194 12.35 5.14 -3.49
CA GLU A 194 12.06 5.57 -2.11
C GLU A 194 11.48 4.48 -1.26
N ILE A 195 10.62 3.64 -1.82
CA ILE A 195 10.01 2.60 -1.00
C ILE A 195 10.78 1.30 -0.99
N GLY A 196 11.61 1.08 -2.00
CA GLY A 196 12.52 -0.09 -1.98
C GLY A 196 11.86 -1.42 -2.29
N VAL A 197 10.80 -1.77 -1.59
CA VAL A 197 10.20 -3.09 -1.79
C VAL A 197 9.72 -3.31 -3.22
N PRO A 198 9.72 -4.57 -3.66
CA PRO A 198 9.15 -4.94 -4.96
C PRO A 198 7.65 -4.65 -4.97
N THR A 199 7.14 -4.14 -6.08
CA THR A 199 5.70 -3.93 -6.25
C THR A 199 5.31 -4.43 -7.63
N VAL A 200 4.02 -4.33 -7.96
CA VAL A 200 3.51 -4.54 -9.29
C VAL A 200 4.36 -3.85 -10.37
N PHE A 201 4.93 -2.70 -10.06
CA PHE A 201 5.75 -2.03 -11.10
C PHE A 201 6.96 -2.88 -11.54
N ASN A 202 7.42 -3.80 -10.68
CA ASN A 202 8.51 -4.71 -11.08
C ASN A 202 8.16 -5.63 -12.24
N LEU A 203 6.87 -5.88 -12.45
CA LEU A 203 6.40 -6.71 -13.56
C LEU A 203 6.43 -6.03 -14.91
N LEU A 204 6.49 -4.70 -14.92
CA LEU A 204 6.23 -3.99 -16.18
C LEU A 204 7.39 -4.00 -17.20
N GLY A 205 8.63 -4.09 -16.72
CA GLY A 205 9.81 -4.00 -17.60
C GLY A 205 9.66 -4.95 -18.78
N PRO A 206 9.37 -6.25 -18.51
CA PRO A 206 9.22 -7.15 -19.69
C PRO A 206 8.02 -6.86 -20.59
N LEU A 207 7.02 -6.16 -20.07
CA LEU A 207 5.81 -5.92 -20.85
C LEU A 207 5.79 -4.55 -21.49
N THR A 208 6.89 -3.81 -21.35
CA THR A 208 6.99 -2.45 -21.92
C THR A 208 8.31 -2.25 -22.68
N ASN A 209 8.88 -3.35 -23.19
CA ASN A 209 10.04 -3.25 -24.08
C ASN A 209 9.61 -2.42 -25.30
N PRO A 210 10.27 -1.28 -25.52
CA PRO A 210 9.78 -0.35 -26.56
C PRO A 210 9.93 -0.89 -27.96
N ALA A 211 10.80 -1.91 -28.14
CA ALA A 211 10.91 -2.61 -29.42
C ALA A 211 9.76 -3.55 -29.68
N ARG A 212 8.98 -3.85 -28.63
CA ARG A 212 7.80 -4.68 -28.72
C ARG A 212 8.05 -6.07 -29.33
N PRO A 213 9.11 -6.77 -28.89
CA PRO A 213 9.31 -8.12 -29.39
C PRO A 213 8.10 -8.98 -29.08
N ARG A 214 7.79 -9.93 -29.96
CA ARG A 214 6.63 -10.79 -29.83
C ARG A 214 6.97 -12.14 -29.20
N ALA A 215 8.24 -12.36 -28.89
CA ALA A 215 8.66 -13.58 -28.25
C ALA A 215 9.70 -13.30 -27.17
N GLY A 216 9.89 -14.29 -26.30
CA GLY A 216 10.90 -14.11 -25.28
C GLY A 216 10.96 -15.20 -24.25
N LEU A 217 11.99 -15.13 -23.43
CA LEU A 217 12.06 -15.93 -22.24
C LEU A 217 12.04 -14.89 -21.13
N ILE A 218 11.01 -14.98 -20.31
CA ILE A 218 10.75 -13.98 -19.27
C ILE A 218 10.74 -14.63 -17.90
N GLY A 219 11.62 -14.25 -17.00
CA GLY A 219 11.66 -14.84 -15.66
C GLY A 219 10.95 -14.02 -14.60
N CYS A 220 10.44 -14.71 -13.57
CA CYS A 220 9.77 -14.07 -12.46
C CYS A 220 10.00 -14.87 -11.16
N ALA A 221 10.37 -14.18 -10.10
CA ALA A 221 10.76 -14.88 -8.85
C ALA A 221 9.58 -15.44 -8.02
N PHE A 222 8.35 -15.15 -8.46
CA PHE A 222 7.12 -15.56 -7.76
C PHE A 222 6.15 -16.28 -8.69
N ALA A 223 5.75 -17.48 -8.31
CA ALA A 223 4.88 -18.33 -9.10
C ALA A 223 3.57 -17.65 -9.47
N ASP A 224 2.94 -16.99 -8.49
CA ASP A 224 1.63 -16.39 -8.72
C ASP A 224 1.72 -15.25 -9.76
N LEU A 225 2.73 -14.39 -9.61
CA LEU A 225 2.98 -13.32 -10.59
C LEU A 225 3.46 -13.84 -11.95
N ALA A 226 4.25 -14.92 -11.95
CA ALA A 226 4.66 -15.54 -13.22
C ALA A 226 3.42 -15.90 -14.05
N GLU A 227 2.47 -16.54 -13.39
CA GLU A 227 1.22 -16.88 -14.02
C GLU A 227 0.44 -15.69 -14.58
N VAL A 228 0.36 -14.58 -13.83
CA VAL A 228 -0.31 -13.35 -14.31
C VAL A 228 0.43 -12.80 -15.54
N MET A 229 1.76 -12.75 -15.48
CA MET A 229 2.53 -12.30 -16.67
C MET A 229 2.26 -13.20 -17.89
N ALA A 230 2.21 -14.52 -17.68
CA ALA A 230 1.87 -15.41 -18.80
C ALA A 230 0.49 -15.06 -19.38
N GLY A 231 -0.44 -14.66 -18.52
CA GLY A 231 -1.79 -14.26 -18.98
C GLY A 231 -1.75 -13.02 -19.84
N VAL A 232 -0.91 -12.05 -19.48
CA VAL A 232 -0.75 -10.86 -20.30
C VAL A 232 -0.11 -11.19 -21.68
N PHE A 233 0.97 -11.99 -21.67
CA PHE A 233 1.56 -12.43 -22.95
C PHE A 233 0.56 -13.22 -23.82
N ALA A 234 -0.23 -14.07 -23.18
CA ALA A 234 -1.29 -14.81 -23.90
C ALA A 234 -2.24 -13.82 -24.58
N ALA A 235 -2.64 -12.78 -23.86
CA ALA A 235 -3.60 -11.80 -24.36
C ALA A 235 -3.00 -11.06 -25.54
N ARG A 236 -1.67 -10.93 -25.54
CA ARG A 236 -0.98 -10.25 -26.67
C ARG A 236 -0.65 -11.19 -27.84
N ARG A 237 -0.96 -12.46 -27.66
CA ARG A 237 -0.60 -13.55 -28.57
C ARG A 237 0.89 -13.60 -28.83
N SER A 238 1.67 -13.36 -27.78
CA SER A 238 3.11 -13.52 -27.84
C SER A 238 3.46 -15.00 -27.79
N SER A 239 4.67 -15.36 -28.24
CA SER A 239 5.21 -16.70 -28.01
C SER A 239 6.33 -16.57 -26.99
N VAL A 240 6.03 -16.92 -25.74
CA VAL A 240 6.93 -16.63 -24.64
C VAL A 240 7.03 -17.86 -23.72
N LEU A 241 8.19 -18.09 -23.10
CA LEU A 241 8.22 -18.98 -21.95
C LEU A 241 8.42 -18.11 -20.73
N VAL A 242 7.46 -18.17 -19.81
CA VAL A 242 7.59 -17.46 -18.54
C VAL A 242 8.06 -18.48 -17.54
N VAL A 243 9.18 -18.17 -16.88
CA VAL A 243 9.85 -19.15 -16.03
C VAL A 243 9.91 -18.66 -14.58
N HIS A 244 9.71 -19.60 -13.66
CA HIS A 244 9.86 -19.35 -12.22
C HIS A 244 10.79 -20.43 -11.67
N GLY A 245 11.98 -20.05 -11.21
CA GLY A 245 12.88 -21.00 -10.52
C GLY A 245 12.30 -21.36 -9.17
N ASP A 246 12.05 -22.64 -8.90
CA ASP A 246 11.32 -23.04 -7.68
C ASP A 246 11.95 -22.51 -6.38
N ASP A 247 13.10 -21.81 -6.52
CA ASP A 247 13.91 -21.23 -5.41
C ASP A 247 14.08 -19.69 -5.34
N GLY A 248 13.14 -18.93 -5.90
CA GLY A 248 13.26 -17.46 -5.90
C GLY A 248 14.22 -16.87 -6.93
N LEU A 249 14.54 -17.68 -7.94
CA LEU A 249 15.32 -17.22 -9.09
C LEU A 249 14.32 -16.81 -10.18
N ASP A 250 14.62 -15.71 -10.87
CA ASP A 250 13.79 -15.29 -12.01
C ASP A 250 14.42 -15.74 -13.35
N GLU A 251 15.13 -16.85 -13.31
CA GLU A 251 15.72 -17.45 -14.52
C GLU A 251 15.91 -18.95 -14.34
N LEU A 252 16.13 -19.64 -15.44
CA LEU A 252 16.47 -21.07 -15.37
C LEU A 252 17.89 -21.26 -14.90
N THR A 253 18.08 -22.36 -14.18
CA THR A 253 19.30 -22.61 -13.43
C THR A 253 19.42 -24.15 -13.26
N THR A 254 20.65 -24.65 -13.07
CA THR A 254 20.84 -26.06 -12.75
C THR A 254 20.82 -26.28 -11.22
N THR A 255 20.29 -25.30 -10.50
CA THR A 255 20.32 -25.27 -9.02
C THR A 255 19.12 -26.01 -8.49
N THR A 256 18.10 -26.12 -9.33
CA THR A 256 16.75 -26.42 -8.90
C THR A 256 15.91 -26.79 -10.12
N THR A 257 14.75 -27.41 -9.88
CA THR A 257 13.73 -27.54 -10.92
C THR A 257 12.99 -26.19 -11.09
N SER A 258 12.34 -25.99 -12.23
CA SER A 258 11.63 -24.72 -12.47
C SER A 258 10.23 -25.01 -12.95
N THR A 259 9.33 -24.04 -12.84
CA THR A 259 8.04 -24.11 -13.49
C THR A 259 8.05 -23.17 -14.69
N ILE A 260 7.49 -23.63 -15.81
CA ILE A 260 7.45 -22.82 -17.03
C ILE A 260 6.05 -22.78 -17.60
N TRP A 261 5.57 -21.58 -17.87
CA TRP A 261 4.35 -21.40 -18.64
C TRP A 261 4.72 -21.20 -20.12
N ARG A 262 4.37 -22.17 -20.95
CA ARG A 262 4.59 -22.10 -22.38
C ARG A 262 3.40 -21.37 -23.01
N VAL A 263 3.65 -20.16 -23.49
CA VAL A 263 2.61 -19.29 -24.03
C VAL A 263 2.78 -19.22 -25.55
N ALA A 264 1.77 -19.65 -26.29
CA ALA A 264 1.78 -19.49 -27.76
C ALA A 264 0.35 -19.62 -28.28
N ALA A 265 -0.05 -18.74 -29.20
CA ALA A 265 -1.41 -18.76 -29.78
C ALA A 265 -2.54 -18.47 -28.77
N GLY A 266 -2.37 -17.40 -27.97
CA GLY A 266 -3.31 -17.05 -26.90
C GLY A 266 -3.54 -18.09 -25.79
N SER A 267 -2.78 -19.19 -25.82
CA SER A 267 -2.98 -20.34 -24.92
C SER A 267 -1.71 -20.75 -24.19
N VAL A 268 -1.89 -21.38 -23.03
CA VAL A 268 -0.86 -21.52 -22.01
C VAL A 268 -0.79 -22.95 -21.46
N ASP A 269 0.37 -23.59 -21.53
CA ASP A 269 0.61 -24.85 -20.81
C ASP A 269 1.57 -24.61 -19.64
N LYS A 270 1.17 -25.07 -18.45
CA LYS A 270 2.06 -25.00 -17.28
C LYS A 270 2.79 -26.34 -17.15
N LEU A 271 4.13 -26.28 -17.13
CA LEU A 271 4.97 -27.47 -17.18
C LEU A 271 6.05 -27.46 -16.11
N THR A 272 6.45 -28.64 -15.62
CA THR A 272 7.61 -28.70 -14.74
C THR A 272 8.86 -28.85 -15.59
N PHE A 273 9.97 -28.26 -15.15
CA PHE A 273 11.19 -28.35 -15.94
C PHE A 273 12.34 -28.73 -15.04
N ASP A 274 12.94 -29.89 -15.32
CA ASP A 274 14.03 -30.39 -14.52
C ASP A 274 15.23 -30.50 -15.44
N PRO A 275 16.23 -29.63 -15.26
CA PRO A 275 17.40 -29.69 -16.13
C PRO A 275 18.22 -31.01 -16.05
N ALA A 276 18.13 -31.73 -14.92
CA ALA A 276 18.75 -33.05 -14.80
C ALA A 276 18.28 -33.96 -15.95
N GLY A 277 17.07 -33.74 -16.43
CA GLY A 277 16.52 -34.50 -17.53
C GLY A 277 17.30 -34.38 -18.83
N PHE A 278 18.16 -33.36 -18.94
CA PHE A 278 18.97 -33.16 -20.15
C PHE A 278 20.45 -33.41 -19.88
N GLY A 279 20.73 -33.98 -18.71
CA GLY A 279 22.08 -34.36 -18.31
C GLY A 279 22.84 -33.36 -17.46
N PHE A 280 22.19 -32.24 -17.11
CA PHE A 280 22.86 -31.21 -16.31
C PHE A 280 23.08 -31.64 -14.88
N ALA A 281 24.26 -31.33 -14.34
CA ALA A 281 24.56 -31.59 -12.95
C ALA A 281 23.92 -30.50 -12.09
N ARG A 282 23.54 -30.87 -10.86
CA ARG A 282 23.06 -29.89 -9.89
C ARG A 282 24.21 -29.01 -9.45
N ALA A 283 23.97 -27.71 -9.43
CA ALA A 283 24.96 -26.79 -8.92
C ALA A 283 24.43 -26.06 -7.69
N GLN A 284 25.32 -25.36 -7.01
CA GLN A 284 24.93 -24.58 -5.85
C GLN A 284 24.74 -23.12 -6.27
N LEU A 285 23.76 -22.47 -5.66
CA LEU A 285 23.41 -21.10 -5.98
C LEU A 285 24.60 -20.12 -5.91
N ASP A 286 25.44 -20.28 -4.90
CA ASP A 286 26.62 -19.43 -4.72
C ASP A 286 27.67 -19.48 -5.86
N GLN A 287 27.60 -20.53 -6.70
CA GLN A 287 28.47 -20.65 -7.89
C GLN A 287 28.03 -19.73 -9.04
N LEU A 288 26.84 -19.17 -8.90
CA LEU A 288 26.24 -18.25 -9.88
C LEU A 288 26.22 -16.77 -9.46
N ALA A 289 26.76 -16.46 -8.28
CA ALA A 289 26.67 -15.12 -7.68
C ALA A 289 27.40 -14.04 -8.50
N GLY A 290 26.74 -12.90 -8.69
CA GLY A 290 27.33 -11.72 -9.38
C GLY A 290 28.23 -10.95 -8.43
N GLY A 291 28.93 -9.95 -8.96
CA GLY A 291 29.79 -9.09 -8.17
C GLY A 291 29.74 -7.71 -8.79
N ASP A 292 30.88 -7.02 -8.79
CA ASP A 292 30.95 -5.71 -9.42
C ASP A 292 31.02 -5.84 -10.97
N ALA A 293 30.94 -4.70 -11.64
CA ALA A 293 30.91 -4.68 -13.09
C ALA A 293 32.13 -5.36 -13.70
N GLN A 294 33.33 -5.10 -13.17
CA GLN A 294 34.57 -5.71 -13.69
C GLN A 294 34.56 -7.24 -13.56
N ALA A 295 34.08 -7.73 -12.41
CA ALA A 295 33.98 -9.18 -12.17
C ALA A 295 33.00 -9.83 -13.12
N ASN A 296 31.82 -9.22 -13.29
CA ASN A 296 30.81 -9.78 -14.15
C ASN A 296 31.27 -9.74 -15.62
N ALA A 297 31.99 -8.69 -16.01
CA ALA A 297 32.53 -8.60 -17.39
C ALA A 297 33.49 -9.80 -17.62
N ALA A 298 34.32 -10.08 -16.62
CA ALA A 298 35.24 -11.21 -16.68
C ALA A 298 34.46 -12.53 -16.80
N ALA A 299 33.32 -12.65 -16.11
CA ALA A 299 32.53 -13.88 -16.19
C ALA A 299 31.91 -14.05 -17.57
N VAL A 300 31.43 -12.95 -18.17
CA VAL A 300 30.95 -12.97 -19.55
C VAL A 300 32.04 -13.47 -20.50
N ARG A 301 33.24 -12.90 -20.38
CA ARG A 301 34.31 -13.24 -21.31
C ARG A 301 34.63 -14.71 -21.17
N ALA A 302 34.62 -15.20 -19.94
CA ALA A 302 34.97 -16.61 -19.66
C ALA A 302 33.97 -17.54 -20.33
N VAL A 303 32.68 -17.27 -20.14
CA VAL A 303 31.64 -18.13 -20.72
C VAL A 303 31.69 -18.08 -22.25
N LEU A 304 31.83 -16.87 -22.81
CA LEU A 304 31.86 -16.72 -24.26
C LEU A 304 33.13 -17.35 -24.87
N GLY A 305 34.21 -17.42 -24.07
CA GLY A 305 35.43 -18.10 -24.52
C GLY A 305 35.34 -19.63 -24.42
N GLY A 306 34.19 -20.14 -23.96
CA GLY A 306 33.99 -21.61 -23.90
C GLY A 306 34.24 -22.30 -22.54
N ALA A 307 34.46 -21.52 -21.49
CA ALA A 307 34.65 -22.06 -20.14
C ALA A 307 33.47 -22.91 -19.70
N ARG A 308 33.75 -24.10 -19.19
CA ARG A 308 32.68 -24.98 -18.72
C ARG A 308 32.37 -24.76 -17.25
N GLY A 309 31.16 -25.10 -16.85
CA GLY A 309 30.77 -25.00 -15.44
C GLY A 309 29.30 -24.64 -15.33
N PRO A 310 28.81 -24.45 -14.10
CA PRO A 310 27.39 -24.12 -13.93
C PRO A 310 26.96 -22.74 -14.49
N VAL A 311 27.89 -21.81 -14.69
CA VAL A 311 27.49 -20.54 -15.29
C VAL A 311 27.11 -20.73 -16.77
N ARG A 312 28.00 -21.36 -17.54
CA ARG A 312 27.70 -21.76 -18.91
C ARG A 312 26.42 -22.57 -18.95
N ASP A 313 26.27 -23.59 -18.09
CA ASP A 313 25.07 -24.40 -18.14
C ASP A 313 23.80 -23.55 -18.04
N ALA A 314 23.75 -22.63 -17.07
CA ALA A 314 22.58 -21.78 -16.90
C ALA A 314 22.36 -20.87 -18.13
N VAL A 315 23.45 -20.31 -18.66
CA VAL A 315 23.34 -19.49 -19.89
C VAL A 315 22.72 -20.29 -21.04
N VAL A 316 23.24 -21.50 -21.25
CA VAL A 316 22.74 -22.40 -22.29
C VAL A 316 21.25 -22.71 -22.09
N LEU A 317 20.87 -22.96 -20.84
CA LEU A 317 19.45 -23.23 -20.52
C LEU A 317 18.52 -22.07 -20.88
N ASN A 318 18.92 -20.88 -20.44
CA ASN A 318 18.11 -19.70 -20.70
C ASN A 318 18.10 -19.35 -22.18
N ALA A 319 19.24 -19.47 -22.85
CA ALA A 319 19.29 -19.19 -24.28
C ALA A 319 18.42 -20.20 -25.03
N ALA A 320 18.52 -21.47 -24.64
CA ALA A 320 17.68 -22.49 -25.27
C ALA A 320 16.19 -22.17 -25.08
N GLY A 321 15.79 -21.73 -23.89
CA GLY A 321 14.37 -21.42 -23.68
C GLY A 321 13.92 -20.27 -24.56
N ALA A 322 14.76 -19.23 -24.70
CA ALA A 322 14.47 -18.14 -25.64
C ALA A 322 14.33 -18.65 -27.08
N ILE A 323 15.20 -19.60 -27.46
CA ILE A 323 15.15 -20.16 -28.82
C ILE A 323 13.88 -21.00 -29.01
N VAL A 324 13.46 -21.77 -27.99
CA VAL A 324 12.18 -22.51 -28.03
C VAL A 324 11.02 -21.50 -28.21
N ALA A 325 11.00 -20.43 -27.41
CA ALA A 325 10.00 -19.36 -27.56
C ALA A 325 9.98 -18.77 -28.97
N HIS A 326 11.18 -18.47 -29.52
CA HIS A 326 11.26 -17.95 -30.90
C HIS A 326 10.61 -18.92 -31.91
N ALA A 327 10.93 -20.22 -31.78
CA ALA A 327 10.37 -21.26 -32.67
C ALA A 327 8.86 -21.26 -32.61
N GLY A 328 8.33 -20.95 -31.42
CA GLY A 328 6.89 -20.90 -31.20
C GLY A 328 6.14 -19.84 -31.98
N LEU A 329 6.84 -18.86 -32.54
CA LEU A 329 6.19 -17.85 -33.38
C LEU A 329 5.70 -18.48 -34.69
N SER A 330 6.34 -19.56 -35.11
CA SER A 330 6.11 -20.05 -36.47
C SER A 330 5.59 -21.49 -36.56
N SER A 331 5.68 -22.26 -35.47
CA SER A 331 5.07 -23.59 -35.38
C SER A 331 4.99 -24.00 -33.92
N ARG A 332 4.33 -25.13 -33.62
CA ARG A 332 4.44 -25.67 -32.27
C ARG A 332 4.99 -27.10 -32.24
N ALA A 333 6.30 -27.19 -32.03
CA ALA A 333 7.03 -28.44 -31.96
C ALA A 333 6.82 -29.13 -30.61
N GLU A 334 7.09 -30.43 -30.58
CA GLU A 334 7.10 -31.18 -29.34
C GLU A 334 8.09 -30.52 -28.39
N TRP A 335 7.70 -30.38 -27.12
CA TRP A 335 8.49 -29.74 -26.09
C TRP A 335 9.93 -30.25 -25.97
N LEU A 336 10.08 -31.57 -25.79
CA LEU A 336 11.39 -32.14 -25.52
C LEU A 336 12.40 -32.01 -26.67
N PRO A 337 12.00 -32.33 -27.92
CA PRO A 337 12.85 -32.09 -29.10
C PRO A 337 13.09 -30.61 -29.43
N ALA A 338 12.14 -29.74 -29.12
CA ALA A 338 12.34 -28.28 -29.23
C ALA A 338 13.49 -27.86 -28.33
N TRP A 339 13.48 -28.35 -27.09
CA TRP A 339 14.54 -28.05 -26.13
C TRP A 339 15.87 -28.66 -26.51
N GLU A 340 15.86 -29.94 -26.91
CA GLU A 340 17.12 -30.55 -27.37
C GLU A 340 17.77 -29.70 -28.49
N GLU A 341 16.96 -29.27 -29.47
CA GLU A 341 17.48 -28.44 -30.53
C GLU A 341 17.88 -27.03 -30.05
N GLY A 342 17.09 -26.43 -29.15
CA GLY A 342 17.47 -25.16 -28.53
C GLY A 342 18.79 -25.28 -27.79
N LEU A 343 18.94 -26.35 -27.00
CA LEU A 343 20.18 -26.53 -26.23
C LEU A 343 21.37 -26.75 -27.16
N ARG A 344 21.15 -27.47 -28.26
CA ARG A 344 22.23 -27.67 -29.21
C ARG A 344 22.67 -26.37 -29.91
N ARG A 345 21.70 -25.57 -30.38
CA ARG A 345 21.97 -24.28 -31.01
C ARG A 345 22.71 -23.31 -30.09
N ALA A 346 22.31 -23.27 -28.81
CA ALA A 346 22.97 -22.40 -27.81
C ALA A 346 24.40 -22.85 -27.58
N SER A 347 24.58 -24.17 -27.47
CA SER A 347 25.94 -24.71 -27.28
C SER A 347 26.87 -24.46 -28.44
N ALA A 348 26.39 -24.70 -29.66
CA ALA A 348 27.14 -24.45 -30.89
C ALA A 348 27.49 -22.96 -31.02
N ALA A 349 26.54 -22.09 -30.66
CA ALA A 349 26.83 -20.61 -30.72
C ALA A 349 28.04 -20.23 -29.90
N ILE A 350 28.15 -20.81 -28.72
CA ILE A 350 29.33 -20.63 -27.91
C ILE A 350 30.56 -21.32 -28.53
N ASP A 351 30.42 -22.62 -28.81
CA ASP A 351 31.62 -23.42 -29.14
C ASP A 351 32.19 -23.17 -30.53
N THR A 352 31.39 -22.63 -31.44
CA THR A 352 31.90 -22.17 -32.74
C THR A 352 32.69 -20.85 -32.63
N GLY A 353 32.53 -20.16 -31.49
CA GLY A 353 33.11 -18.84 -31.33
C GLY A 353 32.12 -17.76 -31.76
N ALA A 354 30.95 -18.14 -32.24
CA ALA A 354 29.99 -17.13 -32.73
C ALA A 354 29.54 -16.15 -31.63
N ALA A 355 29.32 -16.63 -30.41
CA ALA A 355 28.85 -15.69 -29.38
C ALA A 355 29.93 -14.70 -28.99
N GLU A 356 31.16 -15.17 -28.84
CA GLU A 356 32.28 -14.27 -28.58
C GLU A 356 32.46 -13.25 -29.74
N GLN A 357 32.32 -13.71 -30.99
CA GLN A 357 32.48 -12.81 -32.13
C GLN A 357 31.32 -11.81 -32.19
N LEU A 358 30.12 -12.26 -31.78
CA LEU A 358 28.96 -11.34 -31.81
C LEU A 358 29.16 -10.19 -30.81
N LEU A 359 29.62 -10.52 -29.59
CA LEU A 359 29.93 -9.45 -28.64
C LEU A 359 30.96 -8.47 -29.23
N ALA A 360 31.99 -8.99 -29.89
CA ALA A 360 33.01 -8.13 -30.49
C ALA A 360 32.37 -7.26 -31.56
N ARG A 361 31.51 -7.85 -32.40
CA ARG A 361 30.83 -7.04 -33.44
C ARG A 361 29.96 -5.96 -32.81
N TRP A 362 29.36 -6.29 -31.68
CA TRP A 362 28.51 -5.32 -30.97
C TRP A 362 29.32 -4.15 -30.46
N VAL A 363 30.50 -4.46 -29.90
CA VAL A 363 31.40 -3.43 -29.41
C VAL A 363 31.90 -2.60 -30.59
N ARG A 364 32.30 -3.27 -31.67
CA ARG A 364 32.75 -2.56 -32.87
C ARG A 364 31.71 -1.56 -33.38
N PHE A 365 30.44 -2.02 -33.44
CA PHE A 365 29.35 -1.17 -33.89
C PHE A 365 29.26 0.10 -33.03
N GLY A 366 29.27 -0.06 -31.71
CA GLY A 366 29.19 1.10 -30.83
C GLY A 366 30.33 2.09 -31.09
N ARG A 367 31.55 1.55 -31.29
CA ARG A 367 32.70 2.42 -31.52
C ARG A 367 32.63 3.16 -32.86
N GLN A 368 31.89 2.61 -33.83
CA GLN A 368 31.74 3.23 -35.14
C GLN A 368 30.88 4.51 -35.11
N ILE A 369 30.05 4.66 -34.07
CA ILE A 369 29.08 5.75 -33.99
C ILE A 369 29.76 7.12 -34.06
N LEU A 370 30.83 7.31 -33.30
CA LEU A 370 31.69 8.47 -33.52
C LEU A 370 32.36 8.21 -34.88
N PRO B 24 16.74 -1.39 11.42
CA PRO B 24 15.42 -0.97 10.88
C PRO B 24 15.52 0.00 9.70
N SER B 25 14.74 -0.27 8.65
CA SER B 25 14.69 0.59 7.46
C SER B 25 13.33 0.46 6.81
N TRP B 26 13.01 1.40 5.92
CA TRP B 26 11.76 1.33 5.17
C TRP B 26 11.63 0.05 4.33
N PRO B 27 12.69 -0.35 3.57
CA PRO B 27 12.54 -1.62 2.83
C PRO B 27 12.31 -2.85 3.72
N GLN B 28 12.95 -2.90 4.88
CA GLN B 28 12.74 -4.02 5.77
C GLN B 28 11.28 -4.08 6.32
N ILE B 29 10.81 -2.96 6.84
CA ILE B 29 9.47 -2.86 7.41
C ILE B 29 8.37 -3.00 6.34
N LEU B 30 8.48 -2.25 5.24
CA LEU B 30 7.50 -2.34 4.14
C LEU B 30 7.51 -3.73 3.54
N GLY B 31 8.69 -4.35 3.41
CA GLY B 31 8.75 -5.72 2.94
C GLY B 31 8.06 -6.73 3.85
N ARG B 32 8.19 -6.56 5.14
CA ARG B 32 7.56 -7.44 6.07
C ARG B 32 6.03 -7.36 5.96
N LEU B 33 5.56 -6.14 5.89
CA LEU B 33 4.11 -5.89 5.75
C LEU B 33 3.55 -6.40 4.43
N THR B 34 4.26 -6.14 3.32
CA THR B 34 3.77 -6.65 2.02
C THR B 34 3.79 -8.17 2.00
N ASP B 35 4.67 -8.79 2.80
CA ASP B 35 4.68 -10.26 2.96
C ASP B 35 3.57 -10.73 3.93
N ASN B 36 2.69 -9.81 4.34
CA ASN B 36 1.58 -10.14 5.26
C ASN B 36 2.01 -10.61 6.63
N ARG B 37 3.12 -10.09 7.11
CA ARG B 37 3.60 -10.51 8.41
C ARG B 37 3.42 -9.39 9.40
N ASP B 38 3.10 -9.74 10.65
CA ASP B 38 3.14 -8.78 11.74
C ASP B 38 4.58 -8.29 11.92
N LEU B 39 4.74 -7.04 12.35
CA LEU B 39 6.04 -6.46 12.57
C LEU B 39 6.67 -7.01 13.86
N ALA B 40 7.99 -6.91 13.98
CA ALA B 40 8.68 -7.19 15.25
C ALA B 40 8.44 -6.01 16.17
N ARG B 41 8.46 -6.27 17.49
CA ARG B 41 8.31 -5.22 18.48
C ARG B 41 9.28 -4.08 18.16
N GLY B 42 8.78 -2.83 18.18
CA GLY B 42 9.65 -1.67 17.99
C GLY B 42 9.62 -1.10 16.57
N GLN B 43 9.28 -1.94 15.57
CA GLN B 43 9.30 -1.52 14.17
C GLN B 43 8.22 -0.50 13.83
N ALA B 44 7.00 -0.71 14.29
CA ALA B 44 5.95 0.30 14.05
C ALA B 44 6.35 1.59 14.76
N ALA B 45 6.95 1.47 15.95
CA ALA B 45 7.42 2.68 16.67
C ALA B 45 8.49 3.44 15.87
N TRP B 46 9.45 2.72 15.34
CA TRP B 46 10.48 3.35 14.50
C TRP B 46 9.85 4.05 13.30
N ALA B 47 8.93 3.38 12.62
CA ALA B 47 8.26 3.99 11.45
C ALA B 47 7.54 5.26 11.85
N MET B 48 6.81 5.21 12.96
CA MET B 48 6.00 6.37 13.40
C MET B 48 6.93 7.50 13.77
N ASP B 49 8.04 7.17 14.42
CA ASP B 49 8.97 8.23 14.81
C ASP B 49 9.60 8.88 13.60
N GLN B 50 9.97 8.08 12.59
CA GLN B 50 10.45 8.68 11.34
C GLN B 50 9.43 9.66 10.74
N ILE B 51 8.17 9.24 10.73
CA ILE B 51 7.09 10.06 10.21
C ILE B 51 6.90 11.35 11.01
N MET B 52 7.00 11.24 12.34
CA MET B 52 6.71 12.37 13.23
C MET B 52 7.85 13.35 13.24
N THR B 53 9.06 12.89 12.91
CA THR B 53 10.19 13.82 12.92
C THR B 53 10.49 14.47 11.58
N GLY B 54 9.63 14.29 10.58
CA GLY B 54 9.91 14.89 9.27
C GLY B 54 10.95 14.11 8.44
N ASN B 55 11.30 12.90 8.87
CA ASN B 55 12.28 12.13 8.13
C ASN B 55 11.79 11.11 7.13
N ALA B 56 10.47 10.89 7.07
CA ALA B 56 9.87 9.94 6.13
C ALA B 56 9.44 10.72 4.87
N ARG B 57 9.82 10.23 3.71
CA ARG B 57 9.34 10.81 2.44
C ARG B 57 7.83 10.53 2.28
N PRO B 58 7.09 11.44 1.61
CA PRO B 58 5.66 11.21 1.43
C PRO B 58 5.35 9.80 0.89
N ALA B 59 6.15 9.29 -0.04
CA ALA B 59 5.91 7.94 -0.59
C ALA B 59 6.08 6.83 0.47
N GLN B 60 7.02 7.02 1.39
CA GLN B 60 7.23 6.08 2.48
C GLN B 60 6.06 6.10 3.46
N ILE B 61 5.61 7.29 3.79
CA ILE B 61 4.45 7.45 4.69
C ILE B 61 3.25 6.74 4.07
N ALA B 62 3.00 7.01 2.79
CA ALA B 62 1.82 6.40 2.12
C ALA B 62 1.96 4.86 2.04
N ALA B 63 3.14 4.39 1.64
CA ALA B 63 3.37 2.93 1.55
C ALA B 63 3.12 2.26 2.89
N PHE B 64 3.64 2.87 3.94
CA PHE B 64 3.47 2.34 5.29
C PHE B 64 2.00 2.34 5.70
N ALA B 65 1.31 3.46 5.50
CA ALA B 65 -0.12 3.54 5.89
C ALA B 65 -0.91 2.42 5.20
N VAL B 66 -0.71 2.32 3.88
CA VAL B 66 -1.46 1.34 3.11
C VAL B 66 -1.08 -0.07 3.47
N ALA B 67 0.23 -0.36 3.54
CA ALA B 67 0.63 -1.75 3.81
C ALA B 67 0.13 -2.18 5.20
N MET B 68 0.21 -1.28 6.16
CA MET B 68 -0.22 -1.60 7.53
C MET B 68 -1.74 -1.92 7.51
N THR B 69 -2.48 -1.18 6.72
CA THR B 69 -3.94 -1.35 6.63
C THR B 69 -4.31 -2.68 5.99
N MET B 70 -3.62 -3.03 4.90
CA MET B 70 -3.95 -4.28 4.22
C MET B 70 -3.46 -5.52 4.90
N LYS B 71 -2.34 -5.42 5.62
CA LYS B 71 -1.91 -6.52 6.49
C LYS B 71 -2.94 -6.73 7.64
N ALA B 72 -3.50 -5.66 8.17
CA ALA B 72 -4.37 -5.74 9.36
C ALA B 72 -3.50 -5.56 10.57
N PRO B 73 -3.54 -4.35 11.14
CA PRO B 73 -2.73 -3.95 12.29
C PRO B 73 -3.10 -4.74 13.53
N THR B 74 -2.13 -5.09 14.35
CA THR B 74 -2.39 -5.69 15.66
C THR B 74 -2.51 -4.62 16.75
N ALA B 75 -3.09 -4.99 17.89
CA ALA B 75 -3.13 -4.04 19.03
C ALA B 75 -1.74 -3.55 19.42
N ASP B 76 -0.76 -4.45 19.47
CA ASP B 76 0.61 -3.97 19.84
C ASP B 76 1.16 -2.96 18.82
N GLU B 77 0.95 -3.22 17.55
CA GLU B 77 1.41 -2.29 16.52
C GLU B 77 0.72 -0.94 16.65
N VAL B 78 -0.59 -0.95 16.83
CA VAL B 78 -1.35 0.29 16.95
C VAL B 78 -0.92 1.04 18.24
N GLY B 79 -0.66 0.30 19.32
CA GLY B 79 -0.18 0.91 20.54
C GLY B 79 1.15 1.61 20.35
N GLU B 80 2.04 1.04 19.55
CA GLU B 80 3.30 1.72 19.25
C GLU B 80 3.08 3.00 18.46
N LEU B 81 2.23 2.93 17.45
CA LEU B 81 1.92 4.13 16.66
C LEU B 81 1.36 5.26 17.53
N ALA B 82 0.35 4.93 18.33
CA ALA B 82 -0.34 5.94 19.13
C ALA B 82 0.63 6.48 20.18
N GLY B 83 1.45 5.59 20.75
CA GLY B 83 2.32 5.98 21.86
C GLY B 83 3.41 6.92 21.35
N VAL B 84 3.98 6.61 20.20
CA VAL B 84 4.95 7.52 19.59
C VAL B 84 4.33 8.86 19.23
N MET B 85 3.15 8.85 18.60
CA MET B 85 2.47 10.10 18.31
C MET B 85 2.25 10.96 19.58
N LEU B 86 1.67 10.37 20.62
CA LEU B 86 1.55 11.04 21.92
C LEU B 86 2.87 11.62 22.47
N SER B 87 3.98 10.89 22.32
CA SER B 87 5.30 11.42 22.78
C SER B 87 5.68 12.77 22.13
N HIS B 88 5.12 13.07 20.95
CA HIS B 88 5.40 14.32 20.24
C HIS B 88 4.35 15.38 20.47
N ALA B 89 3.23 15.04 21.10
CA ALA B 89 2.12 15.99 21.28
C ALA B 89 2.37 17.01 22.40
N HIS B 90 1.75 18.17 22.31
CA HIS B 90 1.68 19.07 23.46
C HIS B 90 0.72 18.51 24.51
N PRO B 91 1.14 18.50 25.80
CA PRO B 91 0.19 18.08 26.83
C PRO B 91 -0.67 19.26 27.32
N LEU B 92 -1.69 18.98 28.10
CA LEU B 92 -2.35 20.05 28.85
C LEU B 92 -1.51 20.31 30.10
N PRO B 93 -1.65 21.51 30.70
CA PRO B 93 -0.84 21.85 31.87
C PRO B 93 -1.05 20.87 33.04
N ALA B 94 -0.03 20.72 33.88
CA ALA B 94 -0.09 19.83 35.06
C ALA B 94 -1.39 20.05 35.84
N ASP B 95 -2.02 18.94 36.23
CA ASP B 95 -3.24 18.95 37.08
C ASP B 95 -4.41 19.79 36.57
N THR B 96 -4.65 19.77 35.26
CA THR B 96 -5.77 20.51 34.70
C THR B 96 -6.83 19.60 34.06
N VAL B 97 -6.46 18.36 33.76
CA VAL B 97 -7.42 17.37 33.26
C VAL B 97 -7.99 16.56 34.44
N PRO B 98 -9.30 16.73 34.78
CA PRO B 98 -9.79 15.92 35.89
C PRO B 98 -9.50 14.45 35.63
N ASP B 99 -9.23 13.67 36.67
CA ASP B 99 -8.83 12.30 36.47
C ASP B 99 -9.93 11.44 35.79
N ASP B 100 -11.14 11.97 35.79
CA ASP B 100 -12.29 11.23 35.28
C ASP B 100 -12.87 11.86 34.01
N ALA B 101 -12.05 12.54 33.21
CA ALA B 101 -12.53 13.14 31.95
C ALA B 101 -12.85 12.03 30.92
N VAL B 102 -13.82 12.27 30.02
CA VAL B 102 -14.17 11.26 29.01
C VAL B 102 -14.07 11.87 27.61
N ASP B 103 -13.85 11.00 26.61
CA ASP B 103 -13.96 11.37 25.19
C ASP B 103 -15.23 10.67 24.66
N VAL B 104 -15.83 11.23 23.61
CA VAL B 104 -16.98 10.66 22.92
C VAL B 104 -16.71 10.88 21.43
N VAL B 105 -16.39 9.82 20.69
CA VAL B 105 -15.97 10.00 19.30
C VAL B 105 -16.01 8.67 18.53
N GLY B 106 -16.18 8.78 17.21
CA GLY B 106 -16.08 7.61 16.33
C GLY B 106 -14.92 7.78 15.35
N THR B 107 -14.44 6.68 14.79
CA THR B 107 -13.35 6.77 13.84
C THR B 107 -13.79 7.09 12.37
N GLY B 108 -15.09 7.17 12.09
CA GLY B 108 -15.60 7.54 10.76
C GLY B 108 -16.08 6.34 9.94
N GLY B 109 -16.94 6.59 8.94
CA GLY B 109 -17.50 5.53 8.08
C GLY B 109 -16.96 5.46 6.64
N VAL B 112 -19.20 8.10 5.00
CA VAL B 112 -20.19 8.61 5.97
C VAL B 112 -19.52 8.92 7.34
N ASN B 113 -20.25 9.58 8.24
CA ASN B 113 -19.79 9.75 9.63
C ASN B 113 -20.91 10.16 10.57
N THR B 114 -20.57 10.20 11.86
CA THR B 114 -21.56 10.44 12.90
C THR B 114 -21.11 11.57 13.80
N VAL B 115 -20.34 12.50 13.24
CA VAL B 115 -19.97 13.72 13.95
C VAL B 115 -21.22 14.40 14.53
N ASN B 116 -22.34 14.32 13.80
CA ASN B 116 -23.61 14.84 14.36
C ASN B 116 -23.86 14.20 15.73
N LEU B 117 -23.84 12.87 15.78
CA LEU B 117 -24.12 12.13 17.03
C LEU B 117 -23.09 12.40 18.12
N SER B 118 -21.82 12.28 17.79
CA SER B 118 -20.81 12.38 18.84
C SER B 118 -20.67 13.80 19.35
N THR B 119 -20.92 14.79 18.50
CA THR B 119 -20.93 16.18 18.97
C THR B 119 -22.01 16.43 20.03
N MET B 120 -23.22 16.03 19.67
CA MET B 120 -24.35 16.18 20.54
C MET B 120 -24.18 15.34 21.80
N ALA B 121 -23.67 14.13 21.66
CA ALA B 121 -23.56 13.29 22.88
C ALA B 121 -22.53 13.88 23.84
N ALA B 122 -21.43 14.43 23.32
CA ALA B 122 -20.41 15.06 24.15
C ALA B 122 -20.97 16.20 24.99
N ILE B 123 -21.80 17.04 24.38
CA ILE B 123 -22.42 18.17 25.07
C ILE B 123 -23.41 17.66 26.15
N VAL B 124 -24.20 16.66 25.79
CA VAL B 124 -25.12 16.05 26.75
C VAL B 124 -24.37 15.45 27.96
N VAL B 125 -23.29 14.74 27.68
CA VAL B 125 -22.50 14.11 28.73
C VAL B 125 -21.92 15.15 29.68
N ALA B 126 -21.38 16.22 29.13
CA ALA B 126 -20.85 17.31 29.96
C ALA B 126 -21.96 17.97 30.77
N ALA B 127 -23.13 18.13 30.15
CA ALA B 127 -24.31 18.71 30.84
C ALA B 127 -24.82 17.78 31.95
N ALA B 128 -24.54 16.48 31.83
CA ALA B 128 -24.84 15.56 32.93
C ALA B 128 -23.82 15.67 34.08
N GLY B 129 -22.77 16.45 33.90
CA GLY B 129 -21.83 16.69 34.99
C GLY B 129 -20.54 15.92 34.86
N VAL B 130 -20.35 15.21 33.76
CA VAL B 130 -19.09 14.45 33.51
C VAL B 130 -18.12 15.31 32.67
N PRO B 131 -16.84 15.43 33.08
CA PRO B 131 -15.89 16.29 32.32
C PRO B 131 -15.62 15.64 30.97
N VAL B 132 -15.72 16.41 29.89
CA VAL B 132 -15.54 15.88 28.54
C VAL B 132 -14.40 16.60 27.86
N VAL B 133 -13.49 15.82 27.26
CA VAL B 133 -12.47 16.46 26.44
C VAL B 133 -12.33 15.75 25.10
N LYS B 134 -12.63 16.55 24.07
CA LYS B 134 -12.66 16.11 22.69
C LYS B 134 -11.42 16.62 21.95
N HIS B 135 -11.24 16.12 20.73
CA HIS B 135 -9.98 16.15 20.01
C HIS B 135 -10.37 16.01 18.55
N GLY B 136 -9.90 16.87 17.69
CA GLY B 136 -10.25 16.73 16.28
C GLY B 136 -9.74 17.82 15.37
N ASN B 137 -10.19 17.76 14.13
CA ASN B 137 -9.68 18.64 13.09
C ASN B 137 -10.81 19.17 12.24
N ARG B 138 -10.54 20.26 11.52
CA ARG B 138 -11.40 20.65 10.40
C ARG B 138 -11.18 19.65 9.27
N ALA B 139 -12.26 19.17 8.66
CA ALA B 139 -12.13 18.32 7.48
C ALA B 139 -11.92 19.18 6.22
N ALA B 140 -11.45 18.58 5.15
CA ALA B 140 -11.37 19.29 3.86
C ALA B 140 -12.73 19.22 3.13
N SER B 141 -13.34 18.03 3.16
CA SER B 141 -14.58 17.74 2.44
C SER B 141 -15.81 18.54 2.91
N SER B 142 -16.90 18.32 2.18
CA SER B 142 -18.23 18.82 2.52
C SER B 142 -18.75 18.10 3.79
N LEU B 143 -18.43 16.81 3.92
CA LEU B 143 -18.68 16.07 5.17
C LEU B 143 -17.91 16.70 6.34
N SER B 144 -18.66 17.16 7.35
CA SER B 144 -18.09 17.85 8.52
C SER B 144 -17.09 17.03 9.32
N GLY B 145 -16.00 17.67 9.72
CA GLY B 145 -15.15 17.16 10.78
C GLY B 145 -15.74 17.57 12.12
N GLY B 146 -15.17 17.04 13.19
CA GLY B 146 -15.63 17.37 14.55
C GLY B 146 -15.56 18.87 14.83
N ALA B 147 -14.42 19.46 14.50
CA ALA B 147 -14.18 20.88 14.73
C ALA B 147 -15.15 21.80 13.97
N ASP B 148 -15.55 21.36 12.78
CA ASP B 148 -16.38 22.17 11.87
C ASP B 148 -17.78 22.38 12.41
N THR B 149 -18.39 21.31 12.93
CA THR B 149 -19.71 21.40 13.54
C THR B 149 -19.66 22.35 14.77
N LEU B 150 -18.65 22.18 15.62
CA LEU B 150 -18.48 23.07 16.78
C LEU B 150 -18.34 24.52 16.33
N GLU B 151 -17.52 24.74 15.31
CA GLU B 151 -17.41 26.08 14.74
C GLU B 151 -18.74 26.66 14.26
N ALA B 152 -19.54 25.88 13.53
CA ALA B 152 -20.83 26.33 13.03
C ALA B 152 -21.77 26.65 14.19
N LEU B 153 -21.53 26.04 15.35
CA LEU B 153 -22.28 26.38 16.57
C LEU B 153 -21.73 27.62 17.31
N GLY B 154 -20.61 28.17 16.86
CA GLY B 154 -20.06 29.39 17.52
C GLY B 154 -19.03 29.12 18.58
N VAL B 155 -18.67 27.85 18.73
CA VAL B 155 -17.60 27.45 19.66
C VAL B 155 -16.26 27.81 19.03
N ARG B 156 -15.37 28.34 19.84
CA ARG B 156 -14.06 28.72 19.42
C ARG B 156 -13.11 27.50 19.56
N ILE B 157 -12.73 26.90 18.44
CA ILE B 157 -12.03 25.61 18.45
C ILE B 157 -10.51 25.63 18.56
N ASP B 158 -9.85 26.70 18.14
CA ASP B 158 -8.37 26.69 18.10
C ASP B 158 -7.77 27.37 19.33
N LEU B 159 -7.77 26.68 20.45
CA LEU B 159 -7.24 27.23 21.69
C LEU B 159 -6.01 26.47 22.11
N GLY B 160 -5.09 27.18 22.75
CA GLY B 160 -3.88 26.58 23.29
C GLY B 160 -4.18 25.81 24.57
N PRO B 161 -3.19 25.05 25.07
CA PRO B 161 -3.33 24.18 26.23
C PRO B 161 -3.91 24.87 27.47
N ASP B 162 -3.51 26.11 27.72
CA ASP B 162 -3.96 26.82 28.92
C ASP B 162 -5.43 27.20 28.87
N LEU B 163 -5.90 27.55 27.67
CA LEU B 163 -7.29 27.92 27.54
C LEU B 163 -8.20 26.69 27.44
N VAL B 164 -7.67 25.58 26.89
CA VAL B 164 -8.43 24.31 26.92
C VAL B 164 -8.64 23.89 28.40
N ALA B 165 -7.57 24.00 29.20
CA ALA B 165 -7.67 23.69 30.62
C ALA B 165 -8.70 24.57 31.35
N ARG B 166 -8.73 25.87 31.05
CA ARG B 166 -9.73 26.76 31.67
C ARG B 166 -11.15 26.38 31.23
N SER B 167 -11.31 26.10 29.92
CA SER B 167 -12.59 25.63 29.37
C SER B 167 -13.08 24.40 30.15
N LEU B 168 -12.21 23.42 30.34
CA LEU B 168 -12.58 22.25 31.11
C LEU B 168 -13.02 22.58 32.55
N ALA B 169 -12.27 23.46 33.23
CA ALA B 169 -12.58 23.84 34.61
C ALA B 169 -13.81 24.75 34.68
N GLU B 170 -13.95 25.68 33.73
CA GLU B 170 -15.07 26.61 33.85
C GLU B 170 -16.34 26.14 33.15
N VAL B 171 -16.23 25.39 32.06
CA VAL B 171 -17.42 24.98 31.29
C VAL B 171 -17.76 23.51 31.52
N GLY B 172 -16.76 22.70 31.88
CA GLY B 172 -16.93 21.22 32.00
C GLY B 172 -16.65 20.47 30.66
N ILE B 173 -16.17 21.19 29.66
CA ILE B 173 -15.87 20.59 28.35
C ILE B 173 -14.75 21.36 27.67
N GLY B 174 -13.95 20.66 26.87
CA GLY B 174 -12.87 21.29 26.13
C GLY B 174 -12.64 20.58 24.81
N PHE B 175 -11.92 21.26 23.92
CA PHE B 175 -11.65 20.73 22.60
C PHE B 175 -10.20 21.03 22.23
N CYS B 176 -9.45 19.96 21.97
CA CYS B 176 -8.02 20.03 21.61
C CYS B 176 -7.92 20.01 20.09
N PHE B 177 -7.58 21.14 19.50
CA PHE B 177 -7.51 21.27 18.03
C PHE B 177 -6.26 20.51 17.52
N ALA B 178 -6.45 19.47 16.70
CA ALA B 178 -5.33 18.56 16.31
C ALA B 178 -4.08 19.27 15.80
N PRO B 179 -4.24 20.21 14.84
CA PRO B 179 -3.03 20.93 14.36
C PRO B 179 -2.27 21.71 15.45
N ARG B 180 -2.96 22.17 16.49
CA ARG B 180 -2.28 22.86 17.59
C ARG B 180 -1.55 21.92 18.58
N PHE B 181 -2.12 20.74 18.86
CA PHE B 181 -1.54 19.84 19.84
C PHE B 181 -0.60 18.81 19.22
N HIS B 182 -0.79 18.56 17.94
CA HIS B 182 -0.01 17.58 17.16
C HIS B 182 0.69 18.21 15.95
N PRO B 183 1.47 19.29 16.17
CA PRO B 183 2.11 19.98 15.03
C PRO B 183 3.00 19.03 14.21
N SER B 184 3.65 18.07 14.85
CA SER B 184 4.57 17.16 14.14
C SER B 184 3.88 16.10 13.26
N TYR B 185 2.58 15.97 13.40
CA TYR B 185 1.77 15.10 12.57
C TYR B 185 1.48 15.71 11.19
N ARG B 186 1.92 16.94 10.94
CA ARG B 186 1.55 17.62 9.70
C ARG B 186 1.96 16.83 8.42
N HIS B 187 3.09 16.14 8.46
CA HIS B 187 3.54 15.34 7.30
C HIS B 187 2.59 14.17 7.00
N ALA B 188 2.21 13.44 8.04
CA ALA B 188 1.25 12.35 7.92
C ALA B 188 -0.11 12.89 7.46
N ALA B 189 -0.58 13.99 8.06
CA ALA B 189 -1.86 14.57 7.67
C ALA B 189 -1.92 14.97 6.18
N ALA B 190 -0.85 15.56 5.65
CA ALA B 190 -0.79 15.88 4.21
C ALA B 190 -0.92 14.61 3.35
N VAL B 191 -0.13 13.58 3.69
CA VAL B 191 -0.23 12.33 2.95
C VAL B 191 -1.66 11.75 3.02
N ARG B 192 -2.30 11.81 4.19
CA ARG B 192 -3.62 11.24 4.36
C ARG B 192 -4.66 11.90 3.45
N ARG B 193 -4.56 13.21 3.35
CA ARG B 193 -5.41 13.99 2.45
C ARG B 193 -5.16 13.66 0.99
N GLU B 194 -3.90 13.51 0.62
CA GLU B 194 -3.54 13.18 -0.77
C GLU B 194 -4.08 11.82 -1.22
N ILE B 195 -4.02 10.80 -0.37
CA ILE B 195 -4.47 9.45 -0.78
C ILE B 195 -5.98 9.21 -0.56
N GLY B 196 -6.56 9.91 0.41
CA GLY B 196 -7.99 9.94 0.64
C GLY B 196 -8.52 8.70 1.33
N VAL B 197 -8.06 7.52 0.91
CA VAL B 197 -8.54 6.25 1.41
C VAL B 197 -8.32 6.11 2.95
N PRO B 198 -9.30 5.51 3.69
CA PRO B 198 -9.02 5.27 5.10
C PRO B 198 -7.85 4.32 5.27
N THR B 199 -7.05 4.56 6.29
CA THR B 199 -5.95 3.67 6.67
C THR B 199 -5.94 3.47 8.20
N VAL B 200 -4.98 2.68 8.67
CA VAL B 200 -4.73 2.55 10.11
C VAL B 200 -4.64 3.94 10.78
N PHE B 201 -4.19 4.97 10.06
CA PHE B 201 -4.10 6.32 10.67
C PHE B 201 -5.44 6.87 11.17
N ASN B 202 -6.52 6.44 10.52
CA ASN B 202 -7.88 6.80 10.91
C ASN B 202 -8.22 6.27 12.31
N LEU B 203 -7.57 5.18 12.72
CA LEU B 203 -7.83 4.60 14.04
C LEU B 203 -7.19 5.35 15.16
N LEU B 204 -6.21 6.20 14.84
CA LEU B 204 -5.39 6.79 15.89
C LEU B 204 -5.98 7.99 16.60
N GLY B 205 -6.91 8.71 15.97
CA GLY B 205 -7.53 9.87 16.62
C GLY B 205 -7.98 9.62 18.06
N PRO B 206 -8.82 8.61 18.29
CA PRO B 206 -9.31 8.37 19.65
C PRO B 206 -8.23 7.90 20.58
N LEU B 207 -7.13 7.40 20.01
CA LEU B 207 -6.04 6.90 20.83
C LEU B 207 -4.95 7.92 21.09
N THR B 208 -5.07 9.12 20.54
CA THR B 208 -4.03 10.16 20.66
C THR B 208 -4.62 11.51 21.12
N ASN B 209 -5.76 11.43 21.81
CA ASN B 209 -6.33 12.58 22.46
C ASN B 209 -5.27 13.13 23.42
N PRO B 210 -4.80 14.37 23.18
CA PRO B 210 -3.64 14.91 23.95
C PRO B 210 -3.96 15.15 25.42
N ALA B 211 -5.24 15.27 25.76
CA ALA B 211 -5.63 15.37 27.19
C ALA B 211 -5.56 14.01 27.92
N ARG B 212 -5.34 12.92 27.17
CA ARG B 212 -5.22 11.57 27.72
C ARG B 212 -6.37 11.15 28.67
N PRO B 213 -7.63 11.36 28.23
CA PRO B 213 -8.74 11.01 29.13
C PRO B 213 -8.71 9.49 29.35
N ARG B 214 -9.10 9.04 30.53
CA ARG B 214 -8.99 7.64 30.85
C ARG B 214 -10.30 6.90 30.61
N ALA B 215 -11.36 7.60 30.19
CA ALA B 215 -12.64 6.94 29.89
C ALA B 215 -13.17 7.43 28.57
N GLY B 216 -14.10 6.69 27.97
CA GLY B 216 -14.58 7.09 26.63
C GLY B 216 -15.64 6.15 26.10
N LEU B 217 -16.44 6.65 25.17
CA LEU B 217 -17.26 5.83 24.32
C LEU B 217 -16.62 6.07 22.95
N ILE B 218 -16.09 5.02 22.34
CA ILE B 218 -15.29 5.21 21.13
C ILE B 218 -15.90 4.31 20.05
N GLY B 219 -16.41 4.91 18.99
CA GLY B 219 -17.03 4.14 17.90
C GLY B 219 -16.06 3.75 16.77
N CYS B 220 -16.30 2.59 16.17
CA CYS B 220 -15.50 2.17 15.03
C CYS B 220 -16.41 1.52 13.97
N ALA B 221 -16.19 1.81 12.69
CA ALA B 221 -17.11 1.30 11.63
C ALA B 221 -16.82 -0.14 11.22
N PHE B 222 -15.71 -0.70 11.72
CA PHE B 222 -15.31 -2.06 11.36
C PHE B 222 -15.06 -2.89 12.59
N ALA B 223 -15.70 -4.04 12.65
CA ALA B 223 -15.65 -4.86 13.87
C ALA B 223 -14.23 -5.34 14.17
N ASP B 224 -13.49 -5.73 13.13
CA ASP B 224 -12.13 -6.28 13.39
C ASP B 224 -11.21 -5.20 13.98
N LEU B 225 -11.33 -3.97 13.48
CA LEU B 225 -10.51 -2.89 14.01
C LEU B 225 -11.01 -2.36 15.38
N ALA B 226 -12.31 -2.46 15.65
CA ALA B 226 -12.82 -2.09 16.99
C ALA B 226 -12.14 -2.98 18.04
N GLU B 227 -12.00 -4.25 17.72
CA GLU B 227 -11.39 -5.16 18.66
C GLU B 227 -9.93 -4.81 18.92
N VAL B 228 -9.20 -4.47 17.86
CA VAL B 228 -7.80 -4.01 17.98
C VAL B 228 -7.75 -2.74 18.87
N MET B 229 -8.61 -1.76 18.59
CA MET B 229 -8.65 -0.57 19.43
C MET B 229 -8.93 -0.90 20.91
N ALA B 230 -9.83 -1.84 21.17
CA ALA B 230 -10.13 -2.20 22.58
C ALA B 230 -8.89 -2.77 23.25
N GLY B 231 -8.11 -3.52 22.47
CA GLY B 231 -6.87 -4.12 22.97
C GLY B 231 -5.85 -3.06 23.34
N VAL B 232 -5.82 -1.96 22.59
CA VAL B 232 -4.94 -0.84 22.92
C VAL B 232 -5.39 -0.13 24.19
N PHE B 233 -6.68 0.19 24.28
CA PHE B 233 -7.21 0.81 25.53
C PHE B 233 -7.01 -0.09 26.76
N ALA B 234 -7.17 -1.41 26.59
CA ALA B 234 -6.95 -2.39 27.66
C ALA B 234 -5.53 -2.27 28.22
N ALA B 235 -4.54 -1.95 27.38
CA ALA B 235 -3.17 -1.83 27.88
C ALA B 235 -2.95 -0.50 28.60
N ARG B 236 -3.95 0.39 28.56
CA ARG B 236 -3.86 1.64 29.32
C ARG B 236 -4.67 1.52 30.59
N ARG B 237 -4.57 2.53 31.45
CA ARG B 237 -5.36 2.49 32.68
C ARG B 237 -6.70 3.16 32.33
N SER B 238 -7.63 2.39 31.74
CA SER B 238 -8.79 2.97 30.97
C SER B 238 -10.08 2.27 31.26
N SER B 239 -11.18 3.01 31.18
CA SER B 239 -12.51 2.42 31.24
C SER B 239 -13.25 2.96 30.01
N VAL B 240 -13.39 2.12 28.99
CA VAL B 240 -13.90 2.55 27.69
C VAL B 240 -14.88 1.52 27.17
N LEU B 241 -15.95 2.01 26.52
CA LEU B 241 -16.76 1.18 25.64
C LEU B 241 -16.32 1.47 24.19
N VAL B 242 -15.73 0.46 23.54
CA VAL B 242 -15.50 0.52 22.09
C VAL B 242 -16.73 -0.08 21.47
N VAL B 243 -17.33 0.65 20.53
CA VAL B 243 -18.64 0.30 20.05
C VAL B 243 -18.65 0.20 18.53
N HIS B 244 -19.47 -0.73 18.03
CA HIS B 244 -19.62 -0.94 16.61
C HIS B 244 -21.05 -1.31 16.32
N GLY B 245 -21.78 -0.45 15.62
CA GLY B 245 -23.18 -0.77 15.25
C GLY B 245 -23.14 -1.95 14.25
N ASP B 246 -24.02 -2.93 14.42
CA ASP B 246 -23.99 -4.11 13.55
C ASP B 246 -24.53 -3.82 12.14
N ASP B 247 -24.87 -2.55 11.90
CA ASP B 247 -25.20 -1.99 10.58
C ASP B 247 -24.02 -1.19 10.02
N GLY B 248 -22.87 -1.20 10.70
CA GLY B 248 -21.69 -0.46 10.22
C GLY B 248 -21.50 0.90 10.87
N LEU B 249 -22.43 1.30 11.72
CA LEU B 249 -22.30 2.62 12.36
C LEU B 249 -21.09 2.69 13.30
N ASP B 250 -20.36 3.77 13.27
CA ASP B 250 -19.29 3.97 14.21
C ASP B 250 -19.88 4.72 15.41
N GLU B 251 -20.68 4.03 16.18
CA GLU B 251 -21.46 4.57 17.28
C GLU B 251 -22.41 3.46 17.64
N LEU B 252 -22.98 3.52 18.85
CA LEU B 252 -24.10 2.63 19.15
C LEU B 252 -25.27 2.98 18.25
N THR B 253 -25.80 1.98 17.55
CA THR B 253 -26.88 2.24 16.60
C THR B 253 -28.27 1.97 17.23
N THR B 254 -29.34 2.51 16.64
CA THR B 254 -30.70 2.16 17.05
C THR B 254 -31.43 1.33 15.98
N THR B 255 -30.69 0.99 14.93
CA THR B 255 -31.21 0.34 13.72
C THR B 255 -31.26 -1.18 13.90
N THR B 256 -30.41 -1.65 14.82
CA THR B 256 -30.22 -3.06 15.04
C THR B 256 -29.26 -3.13 16.27
N THR B 257 -28.73 -4.33 16.55
CA THR B 257 -27.80 -4.51 17.65
C THR B 257 -26.45 -3.85 17.37
N SER B 258 -25.60 -3.79 18.41
CA SER B 258 -24.24 -3.28 18.27
C SER B 258 -23.33 -4.28 18.97
N THR B 259 -22.05 -4.25 18.65
CA THR B 259 -21.08 -5.00 19.42
C THR B 259 -20.35 -4.00 20.29
N ILE B 260 -20.21 -4.33 21.56
CA ILE B 260 -19.44 -3.52 22.51
C ILE B 260 -18.28 -4.35 23.04
N TRP B 261 -17.09 -3.76 22.95
CA TRP B 261 -15.95 -4.24 23.69
C TRP B 261 -15.80 -3.33 24.92
N ARG B 262 -16.20 -3.85 26.05
CA ARG B 262 -16.15 -3.11 27.31
C ARG B 262 -14.75 -3.33 27.89
N VAL B 263 -14.03 -2.26 28.15
CA VAL B 263 -12.64 -2.37 28.56
C VAL B 263 -12.56 -1.77 29.93
N ALA B 264 -11.97 -2.50 30.87
CA ALA B 264 -11.73 -2.02 32.22
C ALA B 264 -10.66 -2.90 32.86
N ALA B 265 -9.78 -2.29 33.66
CA ALA B 265 -8.83 -3.04 34.50
C ALA B 265 -7.92 -3.96 33.67
N GLY B 266 -7.50 -3.49 32.49
CA GLY B 266 -6.67 -4.31 31.61
C GLY B 266 -7.33 -5.47 30.86
N SER B 267 -8.65 -5.60 30.95
CA SER B 267 -9.36 -6.72 30.33
C SER B 267 -10.47 -6.22 29.39
N VAL B 268 -10.98 -7.11 28.55
CA VAL B 268 -12.01 -6.79 27.58
C VAL B 268 -13.16 -7.77 27.75
N ASP B 269 -14.37 -7.25 27.74
CA ASP B 269 -15.57 -8.06 27.79
C ASP B 269 -16.35 -7.73 26.53
N LYS B 270 -16.34 -8.62 25.55
CA LYS B 270 -17.07 -8.37 24.30
C LYS B 270 -18.54 -8.86 24.41
N LEU B 271 -19.49 -8.03 23.99
CA LEU B 271 -20.92 -8.45 24.11
C LEU B 271 -21.77 -7.89 22.97
N THR B 272 -22.93 -8.53 22.76
CA THR B 272 -23.93 -8.03 21.84
C THR B 272 -24.94 -7.26 22.69
N PHE B 273 -25.22 -6.05 22.26
CA PHE B 273 -26.03 -5.07 22.95
C PHE B 273 -27.26 -4.74 22.10
N ASP B 274 -28.43 -4.66 22.74
CA ASP B 274 -29.65 -4.33 21.97
C ASP B 274 -30.41 -3.25 22.67
N PRO B 275 -30.45 -2.03 22.10
CA PRO B 275 -31.12 -0.96 22.83
C PRO B 275 -32.64 -1.15 22.90
N ALA B 276 -33.18 -2.12 22.15
CA ALA B 276 -34.61 -2.49 22.32
C ALA B 276 -34.91 -2.87 23.78
N GLY B 277 -33.94 -3.45 24.47
CA GLY B 277 -34.12 -3.80 25.88
C GLY B 277 -34.30 -2.57 26.77
N PHE B 278 -33.99 -1.39 26.25
CA PHE B 278 -34.26 -0.16 27.00
C PHE B 278 -35.42 0.61 26.42
N GLY B 279 -36.16 -0.02 25.51
CA GLY B 279 -37.36 0.60 24.92
C GLY B 279 -37.08 1.51 23.74
N PHE B 280 -35.90 1.42 23.14
CA PHE B 280 -35.63 2.18 21.93
C PHE B 280 -36.27 1.52 20.73
N ALA B 281 -37.07 2.27 20.00
CA ALA B 281 -37.71 1.74 18.79
C ALA B 281 -36.64 1.62 17.70
N ARG B 282 -36.81 0.66 16.80
CA ARG B 282 -35.91 0.49 15.64
C ARG B 282 -35.99 1.64 14.62
N ALA B 283 -34.85 2.27 14.34
CA ALA B 283 -34.75 3.33 13.32
C ALA B 283 -34.30 2.77 11.96
N GLN B 284 -34.26 3.62 10.93
CA GLN B 284 -33.63 3.25 9.63
C GLN B 284 -32.28 3.93 9.51
N LEU B 285 -31.35 3.39 8.74
CA LEU B 285 -29.98 3.98 8.70
C LEU B 285 -29.84 5.40 8.14
N ASP B 286 -30.57 5.70 7.06
CA ASP B 286 -30.54 7.06 6.50
C ASP B 286 -30.94 8.15 7.51
N GLN B 287 -31.50 7.73 8.65
CA GLN B 287 -32.00 8.69 9.65
C GLN B 287 -30.90 9.19 10.58
N LEU B 288 -29.82 8.44 10.76
CA LEU B 288 -28.81 8.80 11.75
C LEU B 288 -27.55 9.49 11.23
N ALA B 289 -27.31 9.44 9.93
CA ALA B 289 -26.03 9.92 9.42
C ALA B 289 -25.96 11.46 9.46
N GLY B 290 -24.74 11.96 9.67
CA GLY B 290 -24.48 13.41 9.70
C GLY B 290 -24.33 14.00 8.30
N GLY B 291 -24.29 15.33 8.22
CA GLY B 291 -24.07 16.01 6.94
C GLY B 291 -22.94 17.01 7.07
N ASP B 292 -23.13 18.18 6.45
CA ASP B 292 -22.16 19.27 6.55
C ASP B 292 -22.30 20.00 7.90
N ALA B 293 -21.35 20.89 8.19
CA ALA B 293 -21.30 21.59 9.48
C ALA B 293 -22.63 22.29 9.79
N GLN B 294 -23.19 22.96 8.78
CA GLN B 294 -24.44 23.70 8.97
C GLN B 294 -25.64 22.79 9.22
N ALA B 295 -25.74 21.68 8.48
CA ALA B 295 -26.81 20.72 8.73
C ALA B 295 -26.69 20.12 10.13
N ASN B 296 -25.45 19.78 10.52
CA ASN B 296 -25.18 19.26 11.85
C ASN B 296 -25.58 20.28 12.93
N ALA B 297 -25.24 21.54 12.71
CA ALA B 297 -25.50 22.59 13.69
C ALA B 297 -27.00 22.80 13.91
N ALA B 298 -27.80 22.67 12.86
CA ALA B 298 -29.24 22.76 12.99
C ALA B 298 -29.82 21.55 13.70
N ALA B 299 -29.19 20.39 13.50
CA ALA B 299 -29.63 19.18 14.18
C ALA B 299 -29.33 19.31 15.65
N VAL B 300 -28.17 19.88 15.97
CA VAL B 300 -27.79 20.11 17.36
C VAL B 300 -28.80 21.04 18.05
N ARG B 301 -29.10 22.15 17.42
CA ARG B 301 -30.05 23.10 18.02
C ARG B 301 -31.40 22.47 18.26
N ALA B 302 -31.85 21.65 17.32
CA ALA B 302 -33.15 21.00 17.40
C ALA B 302 -33.19 19.97 18.52
N VAL B 303 -32.17 19.12 18.57
CA VAL B 303 -32.14 18.09 19.58
C VAL B 303 -31.98 18.68 20.99
N LEU B 304 -31.07 19.63 21.17
CA LEU B 304 -30.87 20.23 22.49
C LEU B 304 -32.07 21.07 22.94
N GLY B 305 -32.89 21.51 21.99
CA GLY B 305 -34.16 22.20 22.30
C GLY B 305 -35.28 21.23 22.63
N GLY B 306 -35.00 19.95 22.51
CA GLY B 306 -35.98 18.93 22.87
C GLY B 306 -36.72 18.21 21.75
N ALA B 307 -36.34 18.43 20.49
CA ALA B 307 -37.01 17.69 19.38
C ALA B 307 -36.80 16.17 19.55
N ARG B 308 -37.87 15.40 19.46
CA ARG B 308 -37.80 13.98 19.67
C ARG B 308 -37.70 13.28 18.33
N GLY B 309 -37.23 12.04 18.34
CA GLY B 309 -37.12 11.28 17.10
C GLY B 309 -35.85 10.45 17.13
N PRO B 310 -35.54 9.79 16.02
CA PRO B 310 -34.40 8.87 15.99
C PRO B 310 -33.02 9.49 16.27
N VAL B 311 -32.76 10.73 15.83
CA VAL B 311 -31.49 11.39 16.11
C VAL B 311 -31.31 11.60 17.64
N ARG B 312 -32.29 12.26 18.28
CA ARG B 312 -32.30 12.33 19.74
C ARG B 312 -32.01 10.96 20.36
N ASP B 313 -32.74 9.93 19.94
CA ASP B 313 -32.60 8.63 20.58
C ASP B 313 -31.14 8.13 20.53
N ALA B 314 -30.54 8.21 19.34
CA ALA B 314 -29.14 7.82 19.18
C ALA B 314 -28.18 8.68 20.02
N VAL B 315 -28.40 10.00 20.09
CA VAL B 315 -27.60 10.86 20.97
C VAL B 315 -27.69 10.39 22.40
N VAL B 316 -28.91 10.14 22.88
CA VAL B 316 -29.10 9.73 24.27
C VAL B 316 -28.44 8.38 24.52
N LEU B 317 -28.62 7.45 23.58
CA LEU B 317 -27.97 6.14 23.68
C LEU B 317 -26.44 6.21 23.87
N ASN B 318 -25.79 6.98 23.00
CA ASN B 318 -24.34 7.13 23.04
C ASN B 318 -23.84 7.95 24.24
N ALA B 319 -24.57 9.01 24.62
CA ALA B 319 -24.21 9.77 25.82
C ALA B 319 -24.25 8.85 27.06
N ALA B 320 -25.32 8.05 27.13
CA ALA B 320 -25.42 7.11 28.26
C ALA B 320 -24.25 6.11 28.28
N GLY B 321 -23.84 5.63 27.10
CA GLY B 321 -22.67 4.74 27.00
C GLY B 321 -21.43 5.42 27.55
N ALA B 322 -21.23 6.70 27.21
CA ALA B 322 -20.09 7.46 27.76
C ALA B 322 -20.17 7.59 29.28
N ILE B 323 -21.40 7.79 29.78
CA ILE B 323 -21.63 7.89 31.21
C ILE B 323 -21.32 6.56 31.93
N VAL B 324 -21.69 5.45 31.29
CA VAL B 324 -21.37 4.12 31.82
C VAL B 324 -19.84 3.89 31.86
N ALA B 325 -19.12 4.26 30.80
CA ALA B 325 -17.64 4.11 30.74
C ALA B 325 -17.02 4.92 31.88
N HIS B 326 -17.52 6.14 32.01
CA HIS B 326 -17.07 7.02 33.09
C HIS B 326 -17.29 6.43 34.47
N ALA B 327 -18.46 5.84 34.69
CA ALA B 327 -18.79 5.23 35.98
C ALA B 327 -17.85 4.06 36.28
N GLY B 328 -17.37 3.41 35.23
CA GLY B 328 -16.38 2.34 35.36
C GLY B 328 -15.08 2.76 36.01
N LEU B 329 -14.78 4.06 36.02
CA LEU B 329 -13.55 4.52 36.64
C LEU B 329 -13.57 4.39 38.18
N SER B 330 -14.67 4.73 38.83
CA SER B 330 -14.69 4.75 40.31
C SER B 330 -15.81 3.94 40.94
N SER B 331 -16.87 3.70 40.17
CA SER B 331 -18.12 3.17 40.68
C SER B 331 -18.13 1.65 40.59
N ARG B 332 -18.76 1.00 41.55
CA ARG B 332 -18.83 -0.45 41.47
C ARG B 332 -20.17 -0.91 40.85
N ALA B 333 -20.99 0.06 40.42
CA ALA B 333 -22.30 -0.22 39.79
C ALA B 333 -22.17 -1.18 38.61
N GLU B 334 -23.09 -2.13 38.60
CA GLU B 334 -23.12 -3.13 37.57
C GLU B 334 -23.68 -2.64 36.26
N TRP B 335 -23.41 -3.42 35.21
CA TRP B 335 -23.75 -3.08 33.83
C TRP B 335 -25.17 -2.55 33.64
N LEU B 336 -26.21 -3.33 33.97
CA LEU B 336 -27.57 -2.89 33.68
C LEU B 336 -28.02 -1.68 34.48
N PRO B 337 -27.78 -1.69 35.81
CA PRO B 337 -28.16 -0.46 36.52
C PRO B 337 -27.33 0.77 36.14
N ALA B 338 -26.06 0.60 35.79
CA ALA B 338 -25.28 1.70 35.22
C ALA B 338 -25.93 2.25 33.93
N TRP B 339 -26.35 1.36 33.03
CA TRP B 339 -27.05 1.83 31.82
C TRP B 339 -28.35 2.57 32.13
N GLU B 340 -29.11 2.08 33.11
CA GLU B 340 -30.42 2.67 33.36
C GLU B 340 -30.22 4.09 33.91
N GLU B 341 -29.21 4.25 34.75
CA GLU B 341 -28.86 5.53 35.29
C GLU B 341 -28.24 6.46 34.21
N GLY B 342 -27.32 5.94 33.40
CA GLY B 342 -26.77 6.70 32.26
C GLY B 342 -27.87 7.21 31.32
N LEU B 343 -28.85 6.35 31.01
CA LEU B 343 -29.98 6.76 30.19
C LEU B 343 -30.82 7.85 30.83
N ARG B 344 -31.14 7.71 32.13
CA ARG B 344 -31.88 8.74 32.87
C ARG B 344 -31.07 10.06 32.90
N ARG B 345 -29.78 9.98 33.17
CA ARG B 345 -28.99 11.21 33.21
C ARG B 345 -28.88 11.92 31.88
N ALA B 346 -28.69 11.15 30.80
CA ALA B 346 -28.60 11.73 29.47
C ALA B 346 -29.91 12.40 29.02
N SER B 347 -31.02 11.69 29.17
CA SER B 347 -32.34 12.25 28.87
C SER B 347 -32.63 13.51 29.68
N ALA B 348 -32.29 13.47 30.96
CA ALA B 348 -32.54 14.63 31.86
C ALA B 348 -31.67 15.83 31.47
N ALA B 349 -30.42 15.59 31.04
CA ALA B 349 -29.56 16.67 30.60
C ALA B 349 -30.21 17.41 29.44
N ILE B 350 -30.85 16.68 28.51
CA ILE B 350 -31.59 17.32 27.42
C ILE B 350 -32.85 17.99 27.95
N ASP B 351 -33.70 17.22 28.62
CA ASP B 351 -35.05 17.70 28.92
C ASP B 351 -35.12 18.89 29.92
N THR B 352 -34.15 19.00 30.82
CA THR B 352 -34.10 20.09 31.79
C THR B 352 -33.38 21.30 31.18
N GLY B 353 -32.98 21.19 29.91
CA GLY B 353 -32.33 22.31 29.24
C GLY B 353 -30.86 22.43 29.62
N ALA B 354 -30.34 21.52 30.43
CA ALA B 354 -28.92 21.61 30.82
C ALA B 354 -27.99 21.58 29.63
N ALA B 355 -28.26 20.72 28.66
CA ALA B 355 -27.39 20.59 27.50
C ALA B 355 -27.43 21.89 26.69
N GLU B 356 -28.63 22.37 26.36
CA GLU B 356 -28.77 23.69 25.69
C GLU B 356 -27.99 24.79 26.41
N GLN B 357 -28.16 24.84 27.74
CA GLN B 357 -27.47 25.86 28.56
C GLN B 357 -25.96 25.69 28.54
N LEU B 358 -25.50 24.45 28.60
CA LEU B 358 -24.05 24.27 28.59
C LEU B 358 -23.46 24.68 27.23
N LEU B 359 -24.10 24.35 26.13
CA LEU B 359 -23.57 24.81 24.85
C LEU B 359 -23.50 26.35 24.82
N ALA B 360 -24.56 27.00 25.29
CA ALA B 360 -24.55 28.47 25.39
C ALA B 360 -23.37 28.95 26.22
N ARG B 361 -23.17 28.36 27.36
CA ARG B 361 -22.07 28.68 28.23
C ARG B 361 -20.69 28.48 27.54
N TRP B 362 -20.59 27.44 26.76
CA TRP B 362 -19.33 27.15 26.04
C TRP B 362 -19.08 28.21 24.97
N VAL B 363 -20.14 28.60 24.26
CA VAL B 363 -20.06 29.69 23.29
C VAL B 363 -19.66 31.02 23.99
N ARG B 364 -20.29 31.35 25.13
CA ARG B 364 -19.93 32.57 25.88
C ARG B 364 -18.45 32.54 26.25
N PHE B 365 -17.99 31.38 26.72
CA PHE B 365 -16.61 31.29 27.17
C PHE B 365 -15.60 31.69 26.07
N GLY B 366 -15.83 31.24 24.83
CA GLY B 366 -14.93 31.54 23.72
C GLY B 366 -14.99 33.02 23.34
N ARG B 367 -16.19 33.59 23.39
CA ARG B 367 -16.37 35.04 23.10
C ARG B 367 -15.71 35.92 24.17
N GLN B 368 -15.75 35.49 25.43
CA GLN B 368 -15.23 36.25 26.58
C GLN B 368 -13.70 36.17 26.74
N ILE B 369 -13.00 35.48 25.84
CA ILE B 369 -11.53 35.40 25.89
C ILE B 369 -10.85 36.75 25.54
C1 GOL C . 12.67 -32.68 -18.91
O1 GOL C . 13.57 -32.96 -17.85
C2 GOL C . 11.45 -31.90 -18.40
O2 GOL C . 11.59 -31.54 -17.03
C3 GOL C . 11.26 -30.65 -19.27
O3 GOL C . 9.94 -30.17 -19.15
C1 GOL D . 40.79 -3.43 -25.45
O1 GOL D . 40.50 -4.46 -24.53
C2 GOL D . 40.16 -2.10 -25.02
O2 GOL D . 39.39 -2.18 -23.82
C3 GOL D . 39.45 -1.46 -26.21
O3 GOL D . 38.79 -0.27 -25.85
C1 GOL E . 8.45 -8.32 -7.41
O1 GOL E . 9.15 -9.27 -8.21
C2 GOL E . 6.95 -8.57 -7.41
O2 GOL E . 6.43 -8.18 -8.65
C3 GOL E . 6.21 -7.72 -6.39
O3 GOL E . 5.84 -8.52 -5.29
C1 GOL F . -11.61 2.84 9.38
O1 GOL F . -11.42 3.37 10.66
C2 GOL F . -10.27 2.62 8.68
O2 GOL F . -9.24 2.41 9.61
C3 GOL F . -10.35 1.41 7.76
O3 GOL F . -9.08 1.23 7.20
#